data_4F9Z
#
_entry.id   4F9Z
#
_cell.length_a   57.832
_cell.length_b   68.359
_cell.length_c   86.775
_cell.angle_alpha   70.45
_cell.angle_beta   88.16
_cell.angle_gamma   64.96
#
_symmetry.space_group_name_H-M   'P 1'
#
loop_
_entity.id
_entity.type
_entity.pdbx_description
1 polymer 'Endoplasmic reticulum resident protein 27'
2 non-polymer 'ACETATE ION'
3 non-polymer 3,6,9,12,15,18,21,24,27,30,33,36,39-TRIDECAOXAHENTETRACONTANE-1,41-DIOL
4 non-polymer 2-{2-[2-(2-{2-[2-(2-ETHOXY-ETHOXY)-ETHOXY]-ETHOXY}-ETHOXY)-ETHOXY]-ETHOXY}-ETHANOL
5 water water
#
_entity_poly.entity_id   1
_entity_poly.type   'polypeptide(L)'
_entity_poly.pdbx_seq_one_letter_code
;SSDGPGAAQEPTWLTDVPAAMEFIAATEVAVIGFFQDLEIPAVPILHSMVQKFPGVSFGISTDSEVLTHYNITGNTICLF
RLVDNEQLNLEDEDIESIDATKLSRFIEINSLHMVTEYNPVTVIGLFNSVIQIHLLLIMNKASPEYEENMHRYQKAAKLF
QGKILFILVDSGMKENGKVISFFKLKESQLPALAIYQTLDDEWDTLPTAEVSVEHVQNFCDGFLSGK
;
_entity_poly.pdbx_strand_id   D,A,B,C,E
#
# COMPACT_ATOMS: atom_id res chain seq x y z
N GLN A 9 16.36 19.35 -26.64
CA GLN A 9 16.62 18.34 -25.63
C GLN A 9 17.08 17.02 -26.23
N GLU A 10 17.48 16.08 -25.38
CA GLU A 10 17.89 14.76 -25.84
C GLU A 10 17.39 13.62 -24.96
N PRO A 11 17.12 12.47 -25.58
CA PRO A 11 16.66 11.26 -24.88
C PRO A 11 17.64 10.76 -23.80
N THR A 12 17.08 10.21 -22.73
CA THR A 12 17.84 9.73 -21.59
C THR A 12 18.38 8.31 -21.81
N TRP A 13 19.68 8.15 -21.60
CA TRP A 13 20.36 6.87 -21.77
C TRP A 13 20.05 5.87 -20.65
N LEU A 14 19.60 4.67 -21.04
CA LEU A 14 19.10 3.66 -20.12
C LEU A 14 20.00 2.42 -20.10
N THR A 15 20.75 2.24 -19.02
CA THR A 15 21.85 1.28 -19.00
C THR A 15 21.54 -0.03 -18.28
N ASP A 16 20.40 -0.10 -17.60
CA ASP A 16 20.00 -1.36 -16.99
C ASP A 16 18.49 -1.41 -16.77
N VAL A 17 17.99 -2.57 -16.37
CA VAL A 17 16.56 -2.78 -16.23
C VAL A 17 15.92 -1.92 -15.13
N PRO A 18 16.52 -1.88 -13.93
CA PRO A 18 15.87 -1.05 -12.91
C PRO A 18 15.82 0.43 -13.31
N ALA A 19 16.87 0.92 -13.96
CA ALA A 19 16.87 2.29 -14.46
C ALA A 19 15.78 2.52 -15.51
N ALA A 20 15.58 1.54 -16.38
CA ALA A 20 14.56 1.63 -17.42
C ALA A 20 13.15 1.67 -16.83
N MET A 21 12.82 0.73 -15.95
CA MET A 21 11.47 0.70 -15.36
C MET A 21 11.18 2.00 -14.62
N GLU A 22 12.16 2.45 -13.86
CA GLU A 22 12.01 3.69 -13.11
C GLU A 22 11.73 4.84 -14.05
N PHE A 23 12.48 4.89 -15.15
CA PHE A 23 12.27 5.92 -16.16
C PHE A 23 10.85 5.85 -16.71
N ILE A 24 10.40 4.65 -17.05
CA ILE A 24 9.05 4.49 -17.60
C ILE A 24 7.97 4.81 -16.57
N ALA A 25 8.20 4.48 -15.30
CA ALA A 25 7.18 4.67 -14.26
C ALA A 25 7.08 6.12 -13.79
N ALA A 26 8.09 6.91 -14.08
CA ALA A 26 8.13 8.29 -13.57
C ALA A 26 7.18 9.19 -14.35
N THR A 27 6.63 8.65 -15.43
CA THR A 27 5.92 9.46 -16.42
C THR A 27 4.66 8.71 -16.91
N GLU A 28 3.60 9.44 -17.22
CA GLU A 28 2.41 8.79 -17.73
C GLU A 28 2.66 8.20 -19.14
N VAL A 29 3.47 8.89 -19.93
CA VAL A 29 3.80 8.42 -21.29
C VAL A 29 5.29 8.52 -21.55
N ALA A 30 5.90 7.40 -21.96
CA ALA A 30 7.31 7.35 -22.28
C ALA A 30 7.52 6.79 -23.68
N VAL A 31 8.52 7.31 -24.38
CA VAL A 31 8.90 6.78 -25.69
C VAL A 31 10.37 6.42 -25.67
N ILE A 32 10.65 5.15 -25.94
CA ILE A 32 12.00 4.65 -25.81
C ILE A 32 12.45 3.95 -27.08
N GLY A 33 13.64 4.32 -27.56
CA GLY A 33 14.26 3.63 -28.67
C GLY A 33 15.19 2.54 -28.17
N PHE A 34 14.92 1.31 -28.60
CA PHE A 34 15.74 0.16 -28.20
C PHE A 34 16.53 -0.28 -29.44
N PHE A 35 17.84 -0.01 -29.46
CA PHE A 35 18.61 -0.17 -30.69
C PHE A 35 19.79 -1.15 -30.56
N GLN A 36 19.94 -1.99 -31.58
CA GLN A 36 21.09 -2.88 -31.68
C GLN A 36 22.26 -2.19 -32.36
N ASP A 37 21.98 -1.10 -33.06
CA ASP A 37 23.03 -0.21 -33.55
C ASP A 37 22.47 1.17 -33.86
N LEU A 38 23.28 2.20 -33.60
CA LEU A 38 22.82 3.57 -33.64
C LEU A 38 22.89 4.19 -35.03
N GLU A 39 23.32 3.40 -36.01
CA GLU A 39 23.57 3.90 -37.36
C GLU A 39 22.33 3.84 -38.25
N ILE A 40 21.17 4.10 -37.65
CA ILE A 40 19.88 4.06 -38.36
C ILE A 40 19.14 5.38 -38.18
N PRO A 41 18.28 5.75 -39.17
CA PRO A 41 17.61 7.05 -39.11
C PRO A 41 16.72 7.22 -37.88
N ALA A 42 16.27 6.10 -37.29
CA ALA A 42 15.41 6.16 -36.12
C ALA A 42 16.01 6.99 -34.98
N VAL A 43 17.33 6.98 -34.84
CA VAL A 43 17.96 7.69 -33.73
C VAL A 43 17.82 9.23 -33.78
N PRO A 44 18.28 9.89 -34.87
CA PRO A 44 18.05 11.35 -34.90
C PRO A 44 16.58 11.71 -35.01
N ILE A 45 15.80 10.84 -35.65
CA ILE A 45 14.38 11.05 -35.78
C ILE A 45 13.75 11.06 -34.39
N LEU A 46 14.14 10.07 -33.57
CA LEU A 46 13.73 10.00 -32.17
C LEU A 46 14.16 11.24 -31.39
N HIS A 47 15.43 11.66 -31.54
CA HIS A 47 15.90 12.89 -30.92
C HIS A 47 15.02 14.10 -31.26
N SER A 48 14.50 14.14 -32.47
CA SER A 48 13.77 15.32 -32.95
C SER A 48 12.37 15.43 -32.36
N MET A 49 11.89 14.36 -31.74
CA MET A 49 10.57 14.35 -31.15
C MET A 49 10.53 15.03 -29.79
N VAL A 50 11.69 15.09 -29.13
CA VAL A 50 11.74 15.53 -27.75
C VAL A 50 11.18 16.95 -27.56
N GLN A 51 11.73 17.88 -28.32
CA GLN A 51 11.27 19.28 -28.30
C GLN A 51 9.80 19.38 -28.70
N LYS A 52 9.32 18.40 -29.47
CA LYS A 52 7.97 18.44 -30.03
C LYS A 52 6.91 17.93 -29.06
N PHE A 53 7.29 16.96 -28.22
CA PHE A 53 6.35 16.37 -27.28
C PHE A 53 6.79 16.57 -25.82
N PRO A 54 6.53 17.79 -25.30
CA PRO A 54 6.96 18.19 -23.97
C PRO A 54 6.31 17.35 -22.85
N GLY A 55 5.30 16.57 -23.18
CA GLY A 55 4.56 15.81 -22.19
C GLY A 55 4.89 14.33 -22.23
N VAL A 56 6.01 14.01 -22.86
CA VAL A 56 6.47 12.64 -23.04
C VAL A 56 7.93 12.51 -22.62
N SER A 57 8.27 11.42 -21.92
CA SER A 57 9.66 11.18 -21.55
C SER A 57 10.36 10.34 -22.61
N PHE A 58 11.42 10.89 -23.17
CA PHE A 58 12.14 10.14 -24.20
C PHE A 58 13.39 9.47 -23.65
N GLY A 59 13.49 8.17 -23.88
CA GLY A 59 14.66 7.41 -23.53
C GLY A 59 15.29 6.63 -24.67
N ILE A 60 16.42 5.99 -24.37
CA ILE A 60 17.17 5.26 -25.37
C ILE A 60 18.06 4.21 -24.71
N SER A 61 18.08 3.00 -25.26
CA SER A 61 18.95 1.96 -24.73
C SER A 61 19.47 1.00 -25.78
N THR A 62 20.75 0.65 -25.63
CA THR A 62 21.39 -0.36 -26.45
C THR A 62 21.70 -1.55 -25.55
N ASP A 63 21.50 -1.38 -24.26
CA ASP A 63 21.85 -2.43 -23.31
C ASP A 63 21.07 -3.71 -23.53
N SER A 64 21.81 -4.80 -23.65
CA SER A 64 21.29 -6.12 -23.93
C SER A 64 20.16 -6.57 -22.99
N GLU A 65 20.40 -6.46 -21.69
CA GLU A 65 19.45 -6.92 -20.69
C GLU A 65 18.18 -6.08 -20.69
N VAL A 66 18.32 -4.79 -20.97
CA VAL A 66 17.15 -3.93 -21.11
C VAL A 66 16.27 -4.43 -22.24
N LEU A 67 16.88 -4.61 -23.41
CA LEU A 67 16.13 -5.00 -24.60
C LEU A 67 15.41 -6.32 -24.37
N THR A 68 16.07 -7.21 -23.64
CA THR A 68 15.54 -8.54 -23.38
C THR A 68 14.35 -8.49 -22.43
N HIS A 69 14.41 -7.59 -21.45
CA HIS A 69 13.34 -7.46 -20.47
C HIS A 69 12.06 -7.00 -21.15
N TYR A 70 12.22 -6.15 -22.16
CA TYR A 70 11.08 -5.58 -22.87
C TYR A 70 10.71 -6.40 -24.12
N ASN A 71 11.28 -7.59 -24.19
CA ASN A 71 11.07 -8.53 -25.30
C ASN A 71 11.35 -7.91 -26.67
N ILE A 72 12.48 -7.23 -26.77
CA ILE A 72 12.86 -6.53 -28.00
C ILE A 72 13.74 -7.43 -28.89
N THR A 73 13.37 -7.52 -30.17
CA THR A 73 14.16 -8.30 -31.13
C THR A 73 14.47 -7.43 -32.34
N GLY A 74 15.62 -6.77 -32.31
CA GLY A 74 15.98 -5.86 -33.38
C GLY A 74 15.47 -4.45 -33.11
N ASN A 75 15.84 -3.51 -33.97
CA ASN A 75 15.54 -2.10 -33.76
C ASN A 75 14.05 -1.82 -33.62
N THR A 76 13.67 -1.26 -32.47
CA THR A 76 12.27 -0.99 -32.15
C THR A 76 12.16 0.29 -31.34
N ILE A 77 11.20 1.14 -31.72
CA ILE A 77 10.81 2.27 -30.88
C ILE A 77 9.50 1.94 -30.19
N CYS A 78 9.45 2.09 -28.88
CA CYS A 78 8.24 1.75 -28.13
C CYS A 78 7.60 2.96 -27.47
N LEU A 79 6.27 2.98 -27.45
CA LEU A 79 5.51 3.89 -26.57
C LEU A 79 4.94 3.09 -25.43
N PHE A 80 5.20 3.58 -24.23
CA PHE A 80 4.72 2.99 -22.98
C PHE A 80 3.75 3.98 -22.34
N ARG A 81 2.68 3.48 -21.73
CA ARG A 81 1.78 4.37 -21.02
C ARG A 81 1.19 3.75 -19.76
N LEU A 82 1.18 4.56 -18.70
CA LEU A 82 0.66 4.11 -17.43
C LEU A 82 -0.76 3.61 -17.53
N VAL A 83 -1.62 4.41 -18.19
CA VAL A 83 -3.06 4.26 -18.03
C VAL A 83 -3.58 2.87 -18.33
N ASP A 84 -3.06 2.23 -19.37
CA ASP A 84 -3.41 0.84 -19.61
C ASP A 84 -2.22 -0.14 -19.64
N ASN A 85 -1.09 0.23 -19.02
CA ASN A 85 0.19 -0.55 -19.08
C ASN A 85 0.58 -1.04 -20.47
N GLU A 86 0.35 -0.23 -21.48
CA GLU A 86 0.59 -0.71 -22.81
C GLU A 86 2.05 -0.52 -23.20
N GLN A 87 2.52 -1.39 -24.10
CA GLN A 87 3.79 -1.21 -24.76
C GLN A 87 3.54 -1.38 -26.25
N LEU A 88 3.52 -0.29 -26.98
CA LEU A 88 3.35 -0.35 -28.42
C LEU A 88 4.67 -0.23 -29.17
N ASN A 89 4.90 -1.16 -30.11
CA ASN A 89 6.13 -1.22 -30.89
C ASN A 89 6.00 -0.61 -32.27
N LEU A 90 7.03 0.11 -32.67
CA LEU A 90 7.29 0.43 -34.05
C LEU A 90 8.46 -0.46 -34.43
N GLU A 91 8.21 -1.43 -35.29
CA GLU A 91 9.18 -2.48 -35.56
C GLU A 91 9.41 -2.70 -37.05
N ASP A 92 10.41 -3.50 -37.36
N ASP A 92 10.36 -3.55 -37.37
CA ASP A 92 10.72 -3.94 -38.73
CA ASP A 92 10.75 -3.93 -38.75
C ASP A 92 10.64 -2.86 -39.81
C ASP A 92 10.63 -2.84 -39.82
N GLU A 93 9.65 -2.94 -40.70
CA GLU A 93 9.54 -1.98 -41.80
C GLU A 93 8.96 -0.63 -41.37
N ASP A 94 8.16 -0.62 -40.32
CA ASP A 94 7.71 0.63 -39.71
C ASP A 94 8.91 1.48 -39.30
N ILE A 95 9.90 0.84 -38.67
CA ILE A 95 11.10 1.55 -38.23
C ILE A 95 12.12 1.69 -39.37
N GLU A 96 12.14 0.72 -40.28
CA GLU A 96 13.09 0.78 -41.40
C GLU A 96 12.82 2.03 -42.24
N SER A 97 11.54 2.27 -42.52
CA SER A 97 11.14 3.42 -43.32
C SER A 97 10.51 4.49 -42.43
N ILE A 98 11.02 4.61 -41.21
CA ILE A 98 10.50 5.62 -40.28
C ILE A 98 10.86 7.03 -40.73
N ASP A 99 9.88 7.93 -40.70
CA ASP A 99 10.16 9.36 -40.86
C ASP A 99 9.57 10.07 -39.66
N ALA A 100 9.77 11.39 -39.59
CA ALA A 100 9.33 12.13 -38.43
C ALA A 100 7.80 12.21 -38.32
N THR A 101 7.10 12.33 -39.45
CA THR A 101 5.65 12.51 -39.39
C THR A 101 4.95 11.24 -38.91
N LYS A 102 5.52 10.08 -39.27
CA LYS A 102 4.90 8.82 -38.87
C LYS A 102 5.14 8.58 -37.38
N LEU A 103 6.32 8.91 -36.90
CA LEU A 103 6.61 8.78 -35.48
C LEU A 103 5.80 9.80 -34.72
N SER A 104 5.73 11.01 -35.26
CA SER A 104 4.94 12.09 -34.66
C SER A 104 3.47 11.69 -34.43
N ARG A 105 2.81 11.23 -35.48
CA ARG A 105 1.40 10.84 -35.39
C ARG A 105 1.19 9.62 -34.49
N PHE A 106 2.15 8.71 -34.50
CA PHE A 106 2.10 7.52 -33.65
C PHE A 106 2.06 7.93 -32.18
N ILE A 107 2.84 8.95 -31.85
CA ILE A 107 2.91 9.44 -30.48
C ILE A 107 1.64 10.19 -30.10
N GLU A 108 1.18 11.06 -30.99
CA GLU A 108 -0.10 11.75 -30.80
C GLU A 108 -1.25 10.81 -30.57
N ILE A 109 -1.38 9.82 -31.46
CA ILE A 109 -2.50 8.86 -31.40
C ILE A 109 -2.51 8.07 -30.08
N ASN A 110 -1.31 7.69 -29.61
CA ASN A 110 -1.19 6.72 -28.53
C ASN A 110 -0.80 7.30 -27.18
N SER A 111 -0.72 8.63 -27.11
CA SER A 111 -0.45 9.32 -25.86
C SER A 111 -1.70 9.41 -25.01
N LEU A 112 -2.15 8.26 -24.51
CA LEU A 112 -3.28 8.22 -23.59
C LEU A 112 -2.79 8.48 -22.14
N HIS A 113 -3.48 9.36 -21.42
CA HIS A 113 -3.14 9.69 -20.04
C HIS A 113 -4.17 9.13 -19.06
N MET A 114 -3.98 9.35 -17.75
CA MET A 114 -4.97 8.87 -16.79
C MET A 114 -6.33 9.48 -17.15
N VAL A 115 -6.32 10.73 -17.60
CA VAL A 115 -7.48 11.34 -18.25
C VAL A 115 -7.01 11.91 -19.58
N THR A 116 -7.58 11.40 -20.67
CA THR A 116 -7.16 11.80 -22.02
C THR A 116 -8.16 12.81 -22.59
N GLU A 117 -7.69 13.92 -23.16
CA GLU A 117 -8.62 14.80 -23.85
C GLU A 117 -9.09 14.21 -25.18
N TYR A 118 -10.39 14.32 -25.44
CA TYR A 118 -11.00 13.72 -26.61
C TYR A 118 -10.81 14.58 -27.87
N ASN A 119 -10.22 13.98 -28.91
CA ASN A 119 -10.19 14.60 -30.25
C ASN A 119 -10.07 13.49 -31.30
N PRO A 120 -10.18 13.83 -32.60
CA PRO A 120 -10.23 12.68 -33.51
C PRO A 120 -8.97 11.82 -33.53
N VAL A 121 -7.82 12.37 -33.14
CA VAL A 121 -6.59 11.60 -33.03
C VAL A 121 -6.55 10.67 -31.80
N THR A 122 -6.79 11.21 -30.61
CA THR A 122 -6.68 10.41 -29.40
C THR A 122 -7.73 9.33 -29.38
N VAL A 123 -8.89 9.59 -30.01
CA VAL A 123 -9.98 8.61 -29.98
C VAL A 123 -9.55 7.34 -30.71
N ILE A 124 -8.65 7.47 -31.68
CA ILE A 124 -8.10 6.29 -32.33
C ILE A 124 -7.32 5.46 -31.31
N GLY A 125 -6.37 6.11 -30.64
CA GLY A 125 -5.65 5.49 -29.52
C GLY A 125 -6.56 4.86 -28.48
N LEU A 126 -7.58 5.61 -28.07
CA LEU A 126 -8.51 5.13 -27.05
C LEU A 126 -9.25 3.90 -27.51
N PHE A 127 -9.65 3.88 -28.78
CA PHE A 127 -10.43 2.75 -29.29
C PHE A 127 -9.59 1.49 -29.47
N ASN A 128 -8.28 1.66 -29.62
CA ASN A 128 -7.37 0.53 -29.77
C ASN A 128 -6.70 0.02 -28.49
N SER A 129 -7.01 0.61 -27.35
CA SER A 129 -6.51 0.05 -26.09
C SER A 129 -7.18 -1.29 -25.84
N VAL A 130 -6.53 -2.16 -25.08
CA VAL A 130 -7.16 -3.39 -24.62
C VAL A 130 -8.34 -3.06 -23.69
N ILE A 131 -8.36 -1.85 -23.13
CA ILE A 131 -9.50 -1.47 -22.31
C ILE A 131 -10.64 -1.04 -23.22
N GLN A 132 -11.78 -1.71 -23.08
CA GLN A 132 -12.91 -1.49 -23.97
C GLN A 132 -14.00 -0.62 -23.36
N ILE A 133 -13.83 -0.20 -22.11
CA ILE A 133 -14.82 0.67 -21.46
C ILE A 133 -14.31 2.09 -21.34
N HIS A 134 -15.09 3.03 -21.85
CA HIS A 134 -14.67 4.42 -21.90
C HIS A 134 -15.66 5.26 -21.12
N LEU A 135 -15.13 6.19 -20.33
CA LEU A 135 -15.94 7.16 -19.62
C LEU A 135 -15.63 8.56 -20.15
N LEU A 136 -16.68 9.30 -20.52
CA LEU A 136 -16.57 10.69 -20.91
C LEU A 136 -17.07 11.63 -19.82
N LEU A 137 -16.30 12.66 -19.53
CA LEU A 137 -16.77 13.76 -18.72
C LEU A 137 -17.00 14.90 -19.68
N ILE A 138 -18.27 15.24 -19.89
CA ILE A 138 -18.64 16.25 -20.87
C ILE A 138 -18.97 17.56 -20.19
N MET A 139 -18.07 18.52 -20.31
CA MET A 139 -18.27 19.83 -19.70
C MET A 139 -17.42 20.81 -20.45
N ASN A 140 -17.61 22.10 -20.16
CA ASN A 140 -16.97 23.19 -20.88
C ASN A 140 -15.70 23.64 -20.19
N LYS A 141 -14.58 23.64 -20.93
CA LYS A 141 -13.29 24.07 -20.37
C LYS A 141 -13.33 25.49 -19.82
N ALA A 142 -14.32 26.26 -20.26
CA ALA A 142 -14.47 27.63 -19.80
C ALA A 142 -15.44 27.75 -18.62
N SER A 143 -15.86 26.62 -18.06
CA SER A 143 -16.65 26.61 -16.84
C SER A 143 -15.85 27.07 -15.62
N PRO A 144 -16.51 27.74 -14.69
CA PRO A 144 -15.88 28.07 -13.40
C PRO A 144 -15.41 26.82 -12.66
N GLU A 145 -16.22 25.77 -12.72
CA GLU A 145 -15.95 24.55 -11.96
C GLU A 145 -15.06 23.55 -12.69
N TYR A 146 -14.50 23.95 -13.84
CA TYR A 146 -13.69 23.02 -14.63
C TYR A 146 -12.50 22.41 -13.86
N GLU A 147 -11.63 23.26 -13.30
CA GLU A 147 -10.48 22.80 -12.54
C GLU A 147 -10.83 21.81 -11.44
N GLU A 148 -11.76 22.20 -10.56
CA GLU A 148 -12.16 21.35 -9.42
C GLU A 148 -12.77 20.04 -9.87
N ASN A 149 -13.69 20.10 -10.82
CA ASN A 149 -14.28 18.90 -11.40
C ASN A 149 -13.22 17.98 -12.03
N MET A 150 -12.24 18.57 -12.70
CA MET A 150 -11.22 17.80 -13.39
C MET A 150 -10.31 17.11 -12.37
N HIS A 151 -10.00 17.80 -11.27
CA HIS A 151 -9.14 17.22 -10.26
C HIS A 151 -9.82 16.00 -9.65
N ARG A 152 -11.12 16.15 -9.37
CA ARG A 152 -11.88 15.06 -8.82
C ARG A 152 -12.04 13.89 -9.82
N TYR A 153 -12.25 14.21 -11.09
CA TYR A 153 -12.27 13.24 -12.16
C TYR A 153 -10.94 12.47 -12.22
N GLN A 154 -9.81 13.17 -12.09
CA GLN A 154 -8.49 12.54 -12.04
C GLN A 154 -8.36 11.57 -10.86
N LYS A 155 -8.90 11.97 -9.71
CA LYS A 155 -8.86 11.12 -8.54
C LYS A 155 -9.64 9.82 -8.78
N ALA A 156 -10.84 9.93 -9.32
CA ALA A 156 -11.64 8.74 -9.59
C ALA A 156 -11.01 7.86 -10.68
N ALA A 157 -10.27 8.48 -11.59
CA ALA A 157 -9.64 7.72 -12.68
C ALA A 157 -8.65 6.70 -12.13
N LYS A 158 -8.00 7.05 -11.03
CA LYS A 158 -7.02 6.17 -10.42
C LYS A 158 -7.69 4.92 -9.86
N LEU A 159 -8.92 5.08 -9.41
CA LEU A 159 -9.66 3.98 -8.80
C LEU A 159 -10.00 2.89 -9.82
N PHE A 160 -10.11 3.29 -11.09
CA PHE A 160 -10.51 2.37 -12.14
C PHE A 160 -9.41 2.11 -13.18
N GLN A 161 -8.15 2.32 -12.83
CA GLN A 161 -7.12 2.08 -13.83
C GLN A 161 -6.95 0.59 -14.17
N GLY A 162 -6.76 0.31 -15.45
CA GLY A 162 -6.83 -1.05 -15.95
C GLY A 162 -8.24 -1.52 -16.29
N LYS A 163 -9.25 -0.69 -16.00
CA LYS A 163 -10.63 -1.13 -16.18
C LYS A 163 -11.44 -0.20 -17.06
N ILE A 164 -11.21 1.11 -16.90
CA ILE A 164 -11.97 2.12 -17.62
C ILE A 164 -11.06 3.27 -18.00
N LEU A 165 -11.12 3.66 -19.27
CA LEU A 165 -10.37 4.83 -19.73
C LEU A 165 -11.18 6.08 -19.49
N PHE A 166 -10.68 6.95 -18.61
CA PHE A 166 -11.31 8.25 -18.34
C PHE A 166 -10.92 9.27 -19.39
N ILE A 167 -11.94 9.92 -19.96
CA ILE A 167 -11.76 10.87 -21.06
C ILE A 167 -12.49 12.21 -20.80
N LEU A 168 -11.91 13.32 -21.21
CA LEU A 168 -12.58 14.61 -21.15
C LEU A 168 -13.08 15.06 -22.53
N VAL A 169 -14.36 15.41 -22.64
CA VAL A 169 -14.90 16.00 -23.86
C VAL A 169 -15.28 17.44 -23.62
N ASP A 170 -14.52 18.35 -24.21
CA ASP A 170 -14.76 19.77 -24.03
C ASP A 170 -15.96 20.21 -24.86
N SER A 171 -17.09 20.41 -24.16
CA SER A 171 -18.34 20.79 -24.81
C SER A 171 -18.27 22.21 -25.34
N GLY A 172 -17.23 22.94 -24.95
CA GLY A 172 -16.99 24.26 -25.50
C GLY A 172 -16.50 24.21 -26.94
N MET A 173 -16.42 23.02 -27.52
CA MET A 173 -15.90 22.88 -28.89
C MET A 173 -16.88 22.22 -29.86
N LYS A 174 -17.15 22.94 -30.95
CA LYS A 174 -18.09 22.55 -32.00
C LYS A 174 -17.94 21.10 -32.40
N GLU A 175 -16.70 20.72 -32.68
CA GLU A 175 -16.34 19.36 -33.10
C GLU A 175 -16.98 18.29 -32.22
N ASN A 176 -17.21 18.63 -30.96
CA ASN A 176 -17.74 17.66 -30.01
C ASN A 176 -19.27 17.61 -29.90
N GLY A 177 -19.96 18.44 -30.69
CA GLY A 177 -21.41 18.51 -30.66
C GLY A 177 -22.08 17.20 -30.99
N LYS A 178 -21.58 16.51 -32.01
CA LYS A 178 -22.12 15.22 -32.40
C LYS A 178 -21.93 14.09 -31.39
N VAL A 179 -20.76 14.02 -30.75
CA VAL A 179 -20.53 12.99 -29.74
C VAL A 179 -21.44 13.21 -28.54
N ILE A 180 -21.65 14.46 -28.18
CA ILE A 180 -22.55 14.84 -27.09
C ILE A 180 -24.01 14.50 -27.41
N SER A 181 -24.44 14.82 -28.62
CA SER A 181 -25.81 14.54 -29.04
C SER A 181 -26.11 13.05 -29.22
N PHE A 182 -25.08 12.24 -29.47
CA PHE A 182 -25.30 10.80 -29.54
C PHE A 182 -25.90 10.30 -28.23
N PHE A 183 -25.40 10.83 -27.12
CA PHE A 183 -25.87 10.39 -25.79
C PHE A 183 -27.15 11.08 -25.32
N LYS A 184 -27.80 11.79 -26.24
CA LYS A 184 -29.06 12.51 -25.96
C LYS A 184 -28.90 13.48 -24.80
N LEU A 185 -27.83 14.27 -24.82
CA LEU A 185 -27.58 15.25 -23.77
C LEU A 185 -27.53 16.62 -24.40
N LYS A 186 -27.98 17.62 -23.66
CA LYS A 186 -27.98 18.99 -24.17
C LYS A 186 -27.06 19.85 -23.31
N GLU A 187 -26.68 21.01 -23.84
CA GLU A 187 -25.78 21.93 -23.16
C GLU A 187 -26.19 22.17 -21.71
N SER A 188 -27.47 22.44 -21.50
CA SER A 188 -28.00 22.78 -20.19
C SER A 188 -27.86 21.66 -19.16
N GLN A 189 -27.63 20.44 -19.65
CA GLN A 189 -27.49 19.28 -18.77
C GLN A 189 -26.05 18.99 -18.39
N LEU A 190 -25.13 19.88 -18.79
CA LEU A 190 -23.71 19.68 -18.53
C LEU A 190 -23.30 20.44 -17.28
N PRO A 191 -22.29 19.94 -16.53
CA PRO A 191 -21.45 18.75 -16.77
C PRO A 191 -22.22 17.43 -16.67
N ALA A 192 -21.88 16.47 -17.53
CA ALA A 192 -22.48 15.15 -17.47
C ALA A 192 -21.44 14.05 -17.71
N LEU A 193 -21.75 12.85 -17.24
CA LEU A 193 -20.97 11.66 -17.56
C LEU A 193 -21.65 10.82 -18.62
N ALA A 194 -20.85 10.25 -19.51
CA ALA A 194 -21.34 9.24 -20.45
C ALA A 194 -20.33 8.11 -20.49
N ILE A 195 -20.83 6.89 -20.34
CA ILE A 195 -19.98 5.71 -20.37
C ILE A 195 -20.42 4.78 -21.49
N TYR A 196 -19.46 4.21 -22.22
CA TYR A 196 -19.80 3.30 -23.29
C TYR A 196 -18.76 2.21 -23.50
N GLN A 197 -19.05 1.32 -24.45
CA GLN A 197 -18.23 0.19 -24.81
C GLN A 197 -17.79 0.34 -26.26
N THR A 198 -16.55 -0.04 -26.54
CA THR A 198 -16.00 0.08 -27.89
C THR A 198 -16.55 -1.01 -28.82
N LEU A 199 -16.79 -2.20 -28.29
CA LEU A 199 -17.25 -3.33 -29.09
C LEU A 199 -18.72 -3.69 -28.89
N ASP A 200 -19.37 -3.01 -27.95
CA ASP A 200 -20.78 -3.28 -27.65
C ASP A 200 -21.60 -2.01 -27.67
N ASP A 201 -22.92 -2.20 -27.63
CA ASP A 201 -23.84 -1.12 -27.90
C ASP A 201 -24.32 -0.37 -26.66
N GLU A 202 -24.13 -0.95 -25.48
CA GLU A 202 -24.72 -0.29 -24.32
C GLU A 202 -23.93 0.89 -23.80
N TRP A 203 -24.66 1.91 -23.39
CA TRP A 203 -24.07 3.07 -22.79
C TRP A 203 -25.01 3.57 -21.70
N ASP A 204 -24.57 4.57 -20.96
CA ASP A 204 -25.40 5.18 -19.93
C ASP A 204 -24.90 6.61 -19.69
N THR A 205 -25.73 7.45 -19.08
CA THR A 205 -25.35 8.83 -18.84
C THR A 205 -25.75 9.28 -17.45
N LEU A 206 -25.07 10.30 -16.95
CA LEU A 206 -25.46 10.92 -15.68
C LEU A 206 -25.56 12.41 -15.92
N PRO A 207 -26.73 12.88 -16.38
CA PRO A 207 -26.91 14.29 -16.74
C PRO A 207 -26.89 15.17 -15.51
N THR A 208 -26.51 16.44 -15.67
CA THR A 208 -26.40 17.40 -14.58
C THR A 208 -25.66 16.76 -13.40
N ALA A 209 -24.60 16.01 -13.72
CA ALA A 209 -23.80 15.33 -12.70
C ALA A 209 -23.17 16.32 -11.72
N GLU A 210 -23.07 15.90 -10.46
CA GLU A 210 -22.11 16.52 -9.55
C GLU A 210 -20.87 15.67 -9.71
N VAL A 211 -19.77 16.28 -10.16
CA VAL A 211 -18.55 15.51 -10.37
C VAL A 211 -17.76 15.34 -9.07
N SER A 212 -18.29 14.49 -8.20
CA SER A 212 -17.59 14.10 -6.99
C SER A 212 -17.05 12.70 -7.21
N VAL A 213 -15.99 12.36 -6.49
CA VAL A 213 -15.36 11.06 -6.66
C VAL A 213 -16.36 9.96 -6.39
N GLU A 214 -17.11 10.11 -5.30
CA GLU A 214 -18.16 9.15 -4.94
C GLU A 214 -19.19 8.93 -6.05
N HIS A 215 -19.68 10.02 -6.63
CA HIS A 215 -20.68 9.94 -7.69
C HIS A 215 -20.09 9.25 -8.91
N VAL A 216 -18.88 9.63 -9.30
CA VAL A 216 -18.24 9.03 -10.47
C VAL A 216 -18.02 7.54 -10.23
N GLN A 217 -17.48 7.22 -9.05
CA GLN A 217 -17.24 5.84 -8.67
C GLN A 217 -18.50 4.99 -8.69
N ASN A 218 -19.59 5.51 -8.13
CA ASN A 218 -20.86 4.78 -8.13
C ASN A 218 -21.38 4.53 -9.54
N PHE A 219 -21.28 5.55 -10.38
CA PHE A 219 -21.70 5.43 -11.76
C PHE A 219 -20.90 4.34 -12.51
N CYS A 220 -19.58 4.37 -12.37
CA CYS A 220 -18.75 3.32 -12.95
C CYS A 220 -19.04 1.93 -12.39
N ASP A 221 -19.12 1.81 -11.06
CA ASP A 221 -19.38 0.51 -10.44
C ASP A 221 -20.72 -0.09 -10.86
N GLY A 222 -21.72 0.76 -11.08
CA GLY A 222 -22.99 0.29 -11.60
C GLY A 222 -22.85 -0.26 -13.01
N PHE A 223 -22.14 0.46 -13.87
CA PHE A 223 -21.94 0.03 -15.25
C PHE A 223 -21.16 -1.27 -15.33
N LEU A 224 -20.10 -1.38 -14.54
CA LEU A 224 -19.25 -2.57 -14.50
C LEU A 224 -19.98 -3.81 -13.99
N SER A 225 -21.02 -3.60 -13.19
CA SER A 225 -21.75 -4.72 -12.58
C SER A 225 -22.25 -5.70 -13.63
N GLY A 226 -21.92 -6.97 -13.45
CA GLY A 226 -22.37 -8.01 -14.36
C GLY A 226 -21.52 -8.18 -15.60
N LYS A 227 -20.80 -7.13 -15.97
CA LYS A 227 -19.93 -7.22 -17.15
C LYS A 227 -18.48 -6.86 -16.85
N GLN B 9 -16.36 -6.62 50.89
CA GLN B 9 -15.72 -6.13 52.10
C GLN B 9 -15.03 -4.80 51.82
N GLU B 10 -14.67 -4.08 52.89
CA GLU B 10 -14.00 -2.79 52.75
C GLU B 10 -12.67 -2.79 53.52
N PRO B 11 -11.76 -1.88 53.15
CA PRO B 11 -10.49 -1.77 53.87
C PRO B 11 -10.68 -1.36 55.33
N THR B 12 -9.79 -1.84 56.22
CA THR B 12 -9.90 -1.53 57.65
C THR B 12 -9.39 -0.13 57.96
N TRP B 13 -10.16 0.62 58.75
CA TRP B 13 -9.75 1.95 59.16
C TRP B 13 -8.66 1.93 60.25
N LEU B 14 -7.59 2.66 60.00
CA LEU B 14 -6.43 2.68 60.88
C LEU B 14 -6.34 4.05 61.54
N THR B 15 -6.57 4.10 62.85
CA THR B 15 -6.75 5.37 63.55
C THR B 15 -5.48 5.91 64.22
N ASP B 16 -4.50 5.04 64.47
CA ASP B 16 -3.27 5.44 65.13
C ASP B 16 -2.09 4.58 64.70
N VAL B 17 -0.88 5.02 65.02
CA VAL B 17 0.33 4.29 64.62
C VAL B 17 0.40 2.86 65.18
N PRO B 18 0.02 2.66 66.45
CA PRO B 18 0.05 1.25 66.89
C PRO B 18 -0.93 0.36 66.13
N ALA B 19 -2.10 0.90 65.78
CA ALA B 19 -3.09 0.14 65.03
C ALA B 19 -2.59 -0.21 63.62
N ALA B 20 -2.01 0.78 62.94
CA ALA B 20 -1.41 0.56 61.62
C ALA B 20 -0.29 -0.47 61.67
N MET B 21 0.55 -0.39 62.70
CA MET B 21 1.71 -1.27 62.81
C MET B 21 1.23 -2.70 63.01
N GLU B 22 0.23 -2.85 63.89
CA GLU B 22 -0.28 -4.18 64.22
C GLU B 22 -0.96 -4.82 63.01
N PHE B 23 -1.67 -4.01 62.25
CA PHE B 23 -2.35 -4.46 61.04
C PHE B 23 -1.37 -4.93 59.96
N ILE B 24 -0.27 -4.20 59.80
CA ILE B 24 0.74 -4.53 58.82
C ILE B 24 1.51 -5.78 59.29
N ALA B 25 1.90 -5.80 60.56
CA ALA B 25 2.65 -6.92 61.12
C ALA B 25 1.91 -8.26 61.06
N ALA B 26 0.58 -8.22 61.06
CA ALA B 26 -0.26 -9.43 61.20
C ALA B 26 -0.31 -10.27 59.94
N THR B 27 0.04 -9.68 58.81
CA THR B 27 -0.13 -10.38 57.55
C THR B 27 1.13 -10.20 56.70
N GLU B 28 1.44 -11.19 55.85
CA GLU B 28 2.66 -11.12 55.02
C GLU B 28 2.64 -10.00 53.99
N VAL B 29 1.46 -9.74 53.42
CA VAL B 29 1.27 -8.64 52.48
C VAL B 29 0.06 -7.77 52.84
N ALA B 30 0.27 -6.46 52.92
CA ALA B 30 -0.79 -5.52 53.24
C ALA B 30 -0.77 -4.38 52.24
N VAL B 31 -1.95 -3.93 51.86
CA VAL B 31 -2.06 -2.76 51.01
C VAL B 31 -2.84 -1.68 51.76
N ILE B 32 -2.24 -0.51 51.90
CA ILE B 32 -2.89 0.57 52.64
C ILE B 32 -2.97 1.87 51.87
N GLY B 33 -4.15 2.47 51.81
CA GLY B 33 -4.32 3.78 51.22
C GLY B 33 -4.15 4.86 52.29
N PHE B 34 -3.22 5.78 52.07
CA PHE B 34 -3.01 6.88 53.01
C PHE B 34 -3.46 8.15 52.31
N PHE B 35 -4.56 8.74 52.77
CA PHE B 35 -5.16 9.86 52.04
C PHE B 35 -5.24 11.15 52.83
N GLN B 36 -4.86 12.25 52.18
CA GLN B 36 -5.06 13.58 52.71
C GLN B 36 -6.45 14.05 52.34
N ASP B 37 -7.05 13.34 51.40
CA ASP B 37 -8.30 13.76 50.78
C ASP B 37 -9.07 12.55 50.26
N LEU B 38 -10.16 12.21 50.94
CA LEU B 38 -10.95 11.04 50.57
C LEU B 38 -11.81 11.25 49.33
N GLU B 39 -11.73 12.43 48.73
CA GLU B 39 -12.59 12.81 47.62
C GLU B 39 -11.99 12.48 46.26
N ILE B 40 -11.24 11.38 46.19
CA ILE B 40 -10.53 11.04 44.95
C ILE B 40 -10.97 9.68 44.42
N PRO B 41 -10.77 9.45 43.11
CA PRO B 41 -11.13 8.15 42.51
C PRO B 41 -10.33 6.98 43.08
N ALA B 42 -9.12 7.25 43.58
CA ALA B 42 -8.32 6.19 44.19
C ALA B 42 -9.06 5.49 45.35
N VAL B 43 -9.93 6.22 46.06
CA VAL B 43 -10.66 5.62 47.18
C VAL B 43 -11.60 4.45 46.79
N PRO B 44 -12.56 4.68 45.86
CA PRO B 44 -13.41 3.53 45.53
C PRO B 44 -12.65 2.46 44.73
N ILE B 45 -11.57 2.84 44.05
CA ILE B 45 -10.76 1.86 43.34
C ILE B 45 -10.07 0.95 44.34
N LEU B 46 -9.54 1.51 45.42
CA LEU B 46 -8.94 0.71 46.49
C LEU B 46 -9.96 -0.23 47.13
N HIS B 47 -11.15 0.28 47.38
CA HIS B 47 -12.25 -0.52 47.93
C HIS B 47 -12.53 -1.75 47.07
N SER B 48 -12.58 -1.53 45.76
CA SER B 48 -12.84 -2.61 44.80
C SER B 48 -11.78 -3.72 44.80
N MET B 49 -10.55 -3.41 45.21
CA MET B 49 -9.48 -4.40 45.20
C MET B 49 -9.74 -5.49 46.23
N VAL B 50 -10.42 -5.13 47.32
CA VAL B 50 -10.47 -5.99 48.50
C VAL B 50 -10.83 -7.45 48.23
N GLN B 51 -11.95 -7.68 47.56
CA GLN B 51 -12.37 -9.06 47.32
C GLN B 51 -11.72 -9.73 46.11
N LYS B 52 -10.85 -9.00 45.42
CA LYS B 52 -10.07 -9.58 44.32
C LYS B 52 -8.77 -10.20 44.83
N PHE B 53 -8.30 -9.73 45.98
CA PHE B 53 -7.05 -10.22 46.56
C PHE B 53 -7.25 -10.70 47.99
N PRO B 54 -7.73 -11.94 48.17
CA PRO B 54 -8.03 -12.51 49.48
C PRO B 54 -6.78 -12.86 50.30
N GLY B 55 -5.61 -12.89 49.67
CA GLY B 55 -4.37 -13.19 50.37
C GLY B 55 -3.64 -11.91 50.79
N VAL B 56 -4.38 -10.81 50.73
CA VAL B 56 -3.82 -9.50 50.99
C VAL B 56 -4.75 -8.82 51.98
N SER B 57 -4.19 -8.10 52.93
CA SER B 57 -5.00 -7.34 53.89
C SER B 57 -5.08 -5.87 53.49
N PHE B 58 -6.30 -5.33 53.43
CA PHE B 58 -6.51 -3.95 52.98
C PHE B 58 -6.87 -2.97 54.09
N GLY B 59 -6.12 -1.88 54.17
CA GLY B 59 -6.34 -0.84 55.18
C GLY B 59 -6.42 0.54 54.57
N ILE B 60 -6.89 1.50 55.36
CA ILE B 60 -7.04 2.89 54.93
C ILE B 60 -6.85 3.84 56.12
N SER B 61 -6.19 4.97 55.89
CA SER B 61 -6.01 5.95 56.96
C SER B 61 -5.87 7.39 56.44
N THR B 62 -6.39 8.33 57.23
CA THR B 62 -6.22 9.76 56.98
C THR B 62 -5.59 10.42 58.21
N ASP B 63 -5.17 9.62 59.18
CA ASP B 63 -4.63 10.18 60.41
C ASP B 63 -3.24 10.78 60.20
N SER B 64 -3.04 11.96 60.78
CA SER B 64 -1.79 12.71 60.65
C SER B 64 -0.58 11.92 61.14
N GLU B 65 -0.69 11.34 62.34
CA GLU B 65 0.41 10.58 62.91
C GLU B 65 0.76 9.38 62.04
N VAL B 66 -0.27 8.65 61.63
CA VAL B 66 -0.10 7.52 60.71
C VAL B 66 0.64 7.92 59.44
N LEU B 67 0.12 8.92 58.73
CA LEU B 67 0.75 9.37 57.49
C LEU B 67 2.19 9.82 57.69
N THR B 68 2.44 10.49 58.82
CA THR B 68 3.75 11.02 59.15
C THR B 68 4.73 9.89 59.45
N HIS B 69 4.29 8.95 60.27
CA HIS B 69 5.12 7.79 60.61
C HIS B 69 5.54 7.03 59.35
N TYR B 70 4.66 6.97 58.36
CA TYR B 70 5.00 6.23 57.14
C TYR B 70 5.59 7.09 56.03
N ASN B 71 6.00 8.31 56.40
CA ASN B 71 6.62 9.26 55.45
C ASN B 71 5.79 9.52 54.21
N ILE B 72 4.50 9.77 54.43
CA ILE B 72 3.56 10.05 53.36
C ILE B 72 3.49 11.56 53.09
N THR B 73 3.58 11.95 51.82
CA THR B 73 3.52 13.36 51.43
C THR B 73 2.54 13.60 50.30
N GLY B 74 1.26 13.37 50.56
CA GLY B 74 0.23 13.45 49.55
C GLY B 74 -0.47 12.12 49.43
N ASN B 75 -1.54 12.07 48.65
CA ASN B 75 -2.31 10.84 48.50
C ASN B 75 -1.44 9.69 47.97
N THR B 76 -1.32 8.64 48.77
CA THR B 76 -0.44 7.53 48.47
C THR B 76 -1.12 6.20 48.79
N ILE B 77 -0.93 5.22 47.91
CA ILE B 77 -1.31 3.85 48.24
C ILE B 77 -0.03 3.02 48.36
N CYS B 78 0.10 2.28 49.45
CA CYS B 78 1.31 1.50 49.67
C CYS B 78 1.04 0.01 49.67
N LEU B 79 2.04 -0.74 49.24
CA LEU B 79 2.07 -2.16 49.50
C LEU B 79 3.19 -2.43 50.50
N PHE B 80 2.88 -3.18 51.55
CA PHE B 80 3.84 -3.55 52.58
C PHE B 80 4.01 -5.05 52.48
N ARG B 81 5.25 -5.50 52.62
CA ARG B 81 5.51 -6.95 52.61
C ARG B 81 6.68 -7.30 53.51
N LEU B 82 6.43 -8.25 54.39
CA LEU B 82 7.43 -8.73 55.34
C LEU B 82 8.71 -9.25 54.69
N VAL B 83 8.56 -10.08 53.67
CA VAL B 83 9.67 -10.93 53.20
C VAL B 83 10.96 -10.14 52.90
N ASP B 84 10.85 -8.96 52.30
CA ASP B 84 12.03 -8.12 52.08
C ASP B 84 11.94 -6.77 52.79
N ASN B 85 11.15 -6.75 53.86
CA ASN B 85 10.77 -5.54 54.63
C ASN B 85 10.57 -4.33 53.74
N GLU B 86 9.63 -4.43 52.81
CA GLU B 86 9.40 -3.33 51.89
C GLU B 86 8.13 -2.53 52.13
N GLN B 87 8.20 -1.27 51.76
CA GLN B 87 7.03 -0.43 51.60
C GLN B 87 7.14 0.21 50.22
N LEU B 88 6.29 -0.22 49.29
CA LEU B 88 6.28 0.36 47.93
C LEU B 88 5.18 1.41 47.75
N ASN B 89 5.54 2.55 47.18
CA ASN B 89 4.61 3.68 47.04
C ASN B 89 3.99 3.89 45.67
N LEU B 90 2.67 3.97 45.63
CA LEU B 90 1.95 4.52 44.49
C LEU B 90 1.48 5.92 44.86
N GLU B 91 2.13 6.95 44.31
CA GLU B 91 1.80 8.33 44.63
C GLU B 91 2.00 9.28 43.45
N ASP B 92 1.63 10.55 43.63
CA ASP B 92 1.73 11.58 42.58
C ASP B 92 1.07 11.15 41.27
N GLU B 93 1.88 11.06 40.21
CA GLU B 93 1.42 10.63 38.90
C GLU B 93 0.59 9.36 38.98
N ASP B 94 1.15 8.34 39.62
CA ASP B 94 0.53 7.02 39.71
C ASP B 94 -0.80 7.02 40.44
N ILE B 95 -0.97 7.93 41.41
CA ILE B 95 -2.21 7.97 42.18
C ILE B 95 -3.27 8.80 41.49
N GLU B 96 -2.85 9.83 40.75
CA GLU B 96 -3.78 10.73 40.07
C GLU B 96 -4.39 10.09 38.84
N SER B 97 -3.61 9.24 38.17
CA SER B 97 -4.07 8.57 36.95
C SER B 97 -4.35 7.10 37.21
N ILE B 98 -4.66 6.77 38.47
CA ILE B 98 -4.91 5.38 38.84
C ILE B 98 -6.25 4.85 38.33
N ASP B 99 -6.23 3.65 37.76
CA ASP B 99 -7.46 2.93 37.44
C ASP B 99 -7.35 1.53 38.06
N ALA B 100 -8.41 0.74 37.96
CA ALA B 100 -8.44 -0.55 38.64
C ALA B 100 -7.38 -1.50 38.11
N THR B 101 -7.13 -1.45 36.81
CA THR B 101 -6.19 -2.40 36.22
C THR B 101 -4.75 -2.14 36.64
N LYS B 102 -4.38 -0.86 36.76
CA LYS B 102 -3.05 -0.50 37.25
C LYS B 102 -2.87 -0.93 38.71
N LEU B 103 -3.86 -0.69 39.55
CA LEU B 103 -3.74 -1.07 40.95
C LEU B 103 -3.67 -2.59 41.04
N SER B 104 -4.61 -3.26 40.38
CA SER B 104 -4.66 -4.72 40.38
C SER B 104 -3.31 -5.36 39.98
N ARG B 105 -2.74 -4.94 38.86
CA ARG B 105 -1.48 -5.49 38.39
C ARG B 105 -0.31 -5.17 39.33
N PHE B 106 -0.29 -3.95 39.86
CA PHE B 106 0.68 -3.54 40.89
C PHE B 106 0.71 -4.54 42.05
N ILE B 107 -0.47 -4.94 42.50
CA ILE B 107 -0.59 -5.86 43.61
C ILE B 107 -0.19 -7.27 43.23
N GLU B 108 -0.57 -7.69 42.02
CA GLU B 108 -0.12 -8.99 41.51
C GLU B 108 1.39 -9.11 41.46
N ILE B 109 2.06 -8.08 40.96
CA ILE B 109 3.51 -8.10 40.78
C ILE B 109 4.28 -8.10 42.09
N ASN B 110 3.79 -7.31 43.04
CA ASN B 110 4.50 -7.08 44.29
C ASN B 110 4.04 -7.85 45.52
N SER B 111 3.03 -8.70 45.36
CA SER B 111 2.61 -9.55 46.47
C SER B 111 3.60 -10.70 46.64
N LEU B 112 4.75 -10.39 47.22
CA LEU B 112 5.74 -11.40 47.61
C LEU B 112 5.48 -11.84 49.05
N HIS B 113 5.23 -13.13 49.24
CA HIS B 113 5.06 -13.69 50.57
C HIS B 113 6.35 -14.35 51.04
N MET B 114 6.33 -14.99 52.22
CA MET B 114 7.51 -15.71 52.71
C MET B 114 7.91 -16.80 51.70
N VAL B 115 6.90 -17.46 51.13
CA VAL B 115 7.10 -18.26 49.92
C VAL B 115 6.15 -17.75 48.85
N THR B 116 6.72 -17.35 47.70
CA THR B 116 5.94 -16.79 46.60
C THR B 116 5.87 -17.82 45.47
N GLU B 117 4.73 -17.91 44.80
CA GLU B 117 4.61 -18.83 43.67
C GLU B 117 5.18 -18.19 42.40
N TYR B 118 5.83 -18.98 41.59
CA TYR B 118 6.57 -18.47 40.45
C TYR B 118 5.65 -18.38 39.24
N ASN B 119 5.53 -17.18 38.68
CA ASN B 119 4.85 -16.97 37.41
C ASN B 119 5.39 -15.70 36.74
N PRO B 120 5.02 -15.45 35.46
CA PRO B 120 5.56 -14.26 34.77
C PRO B 120 5.25 -12.90 35.43
N VAL B 121 4.20 -12.84 36.24
CA VAL B 121 3.93 -11.62 37.00
C VAL B 121 4.78 -11.51 38.30
N THR B 122 4.74 -12.52 39.14
CA THR B 122 5.49 -12.48 40.40
C THR B 122 7.02 -12.37 40.22
N VAL B 123 7.54 -12.96 39.14
CA VAL B 123 8.98 -12.93 38.88
C VAL B 123 9.46 -11.49 38.67
N ILE B 124 8.57 -10.63 38.17
CA ILE B 124 8.86 -9.19 38.05
C ILE B 124 9.09 -8.59 39.43
N GLY B 125 8.15 -8.81 40.35
CA GLY B 125 8.34 -8.38 41.72
C GLY B 125 9.58 -8.97 42.37
N LEU B 126 9.79 -10.27 42.19
CA LEU B 126 10.95 -10.96 42.78
C LEU B 126 12.27 -10.38 42.28
N PHE B 127 12.37 -10.16 40.98
CA PHE B 127 13.60 -9.62 40.41
C PHE B 127 13.87 -8.19 40.86
N ASN B 128 12.80 -7.42 41.07
CA ASN B 128 12.97 -6.03 41.52
C ASN B 128 13.19 -5.83 43.04
N SER B 129 13.24 -6.92 43.79
CA SER B 129 13.48 -6.84 45.24
C SER B 129 14.94 -6.52 45.53
N VAL B 130 15.19 -5.90 46.68
CA VAL B 130 16.57 -5.64 47.07
C VAL B 130 17.35 -6.95 47.24
N ILE B 131 16.64 -8.03 47.55
CA ILE B 131 17.25 -9.34 47.71
C ILE B 131 17.50 -9.96 46.31
N GLN B 132 18.72 -10.42 46.09
CA GLN B 132 19.17 -10.84 44.77
C GLN B 132 19.40 -12.33 44.68
N ILE B 133 19.15 -13.03 45.78
CA ILE B 133 19.30 -14.48 45.82
C ILE B 133 17.92 -15.08 45.89
N HIS B 134 17.60 -15.93 44.93
CA HIS B 134 16.27 -16.53 44.84
C HIS B 134 16.40 -18.04 44.98
N LEU B 135 15.59 -18.65 45.83
CA LEU B 135 15.63 -20.09 45.96
C LEU B 135 14.34 -20.64 45.38
N LEU B 136 14.46 -21.55 44.42
CA LEU B 136 13.31 -22.23 43.84
C LEU B 136 13.16 -23.63 44.43
N LEU B 137 11.94 -23.97 44.81
CA LEU B 137 11.61 -25.34 45.15
C LEU B 137 10.67 -25.76 44.04
N ILE B 138 11.11 -26.74 43.26
CA ILE B 138 10.38 -27.18 42.08
C ILE B 138 9.68 -28.49 42.41
N MET B 139 8.35 -28.47 42.45
CA MET B 139 7.62 -29.64 42.91
C MET B 139 6.15 -29.59 42.49
N ASN B 140 5.53 -30.75 42.38
CA ASN B 140 4.16 -30.83 41.86
C ASN B 140 3.11 -30.65 42.95
N LYS B 141 2.19 -29.72 42.74
CA LYS B 141 1.10 -29.51 43.68
C LYS B 141 0.16 -30.71 43.75
N ALA B 142 0.24 -31.59 42.76
CA ALA B 142 -0.57 -32.81 42.75
C ALA B 142 0.10 -33.92 43.58
N SER B 143 1.34 -33.67 44.00
CA SER B 143 2.12 -34.65 44.76
C SER B 143 1.51 -34.87 46.14
N PRO B 144 1.52 -36.14 46.61
CA PRO B 144 0.95 -36.52 47.91
C PRO B 144 1.76 -35.95 49.09
N GLU B 145 3.02 -35.61 48.86
CA GLU B 145 3.87 -35.08 49.93
C GLU B 145 4.01 -33.57 49.84
N TYR B 146 3.19 -32.93 49.02
CA TYR B 146 3.29 -31.49 48.77
C TYR B 146 3.14 -30.64 50.04
N GLU B 147 2.11 -30.91 50.83
CA GLU B 147 1.76 -30.07 51.97
C GLU B 147 2.83 -30.15 53.06
N GLU B 148 3.46 -31.32 53.16
CA GLU B 148 4.48 -31.59 54.16
C GLU B 148 5.76 -30.86 53.80
N ASN B 149 6.19 -31.07 52.55
CA ASN B 149 7.37 -30.40 52.03
C ASN B 149 7.23 -28.88 52.13
N MET B 150 6.04 -28.37 51.79
CA MET B 150 5.80 -26.93 51.80
C MET B 150 5.91 -26.40 53.22
N HIS B 151 5.37 -27.15 54.17
CA HIS B 151 5.51 -26.81 55.58
C HIS B 151 6.96 -26.61 55.99
N ARG B 152 7.85 -27.46 55.49
CA ARG B 152 9.25 -27.39 55.88
C ARG B 152 9.99 -26.28 55.14
N TYR B 153 9.67 -26.11 53.87
CA TYR B 153 10.18 -24.99 53.08
C TYR B 153 9.80 -23.65 53.74
N GLN B 154 8.57 -23.55 54.21
CA GLN B 154 8.10 -22.33 54.87
C GLN B 154 8.93 -22.03 56.12
N LYS B 155 9.18 -23.06 56.89
CA LYS B 155 9.97 -22.95 58.10
C LYS B 155 11.43 -22.53 57.77
N ALA B 156 12.04 -23.15 56.77
CA ALA B 156 13.40 -22.79 56.39
C ALA B 156 13.50 -21.35 55.87
N ALA B 157 12.43 -20.88 55.22
CA ALA B 157 12.37 -19.51 54.73
C ALA B 157 12.57 -18.51 55.85
N LYS B 158 11.93 -18.78 56.98
CA LYS B 158 12.07 -17.93 58.17
C LYS B 158 13.53 -17.75 58.59
N LEU B 159 14.33 -18.82 58.46
CA LEU B 159 15.76 -18.77 58.75
C LEU B 159 16.52 -17.80 57.85
N PHE B 160 16.04 -17.63 56.62
CA PHE B 160 16.81 -16.87 55.64
C PHE B 160 16.16 -15.54 55.27
N GLN B 161 15.19 -15.10 56.05
CA GLN B 161 14.49 -13.85 55.80
C GLN B 161 15.51 -12.71 55.74
N GLY B 162 15.34 -11.83 54.76
CA GLY B 162 16.30 -10.77 54.52
C GLY B 162 17.47 -11.18 53.64
N LYS B 163 17.64 -12.48 53.42
CA LYS B 163 18.82 -12.99 52.71
C LYS B 163 18.47 -13.66 51.39
N ILE B 164 17.41 -14.45 51.40
CA ILE B 164 17.01 -15.26 50.26
C ILE B 164 15.50 -15.29 50.11
N LEU B 165 15.01 -15.01 48.90
CA LEU B 165 13.57 -15.09 48.64
C LEU B 165 13.17 -16.54 48.30
N PHE B 166 12.26 -17.11 49.08
CA PHE B 166 11.86 -18.50 48.87
C PHE B 166 10.71 -18.55 47.89
N ILE B 167 10.83 -19.42 46.89
CA ILE B 167 9.90 -19.45 45.76
C ILE B 167 9.38 -20.86 45.49
N LEU B 168 8.08 -20.99 45.19
CA LEU B 168 7.53 -22.28 44.72
C LEU B 168 7.30 -22.31 43.22
N VAL B 169 7.94 -23.26 42.54
CA VAL B 169 7.70 -23.47 41.10
C VAL B 169 6.91 -24.75 40.93
N ASP B 170 5.64 -24.63 40.53
CA ASP B 170 4.79 -25.81 40.43
C ASP B 170 5.12 -26.60 39.16
N SER B 171 5.68 -27.80 39.35
CA SER B 171 6.03 -28.63 38.20
C SER B 171 4.79 -29.22 37.54
N GLY B 172 3.64 -29.07 38.18
CA GLY B 172 2.39 -29.55 37.61
C GLY B 172 1.95 -28.74 36.40
N MET B 173 2.52 -27.54 36.24
CA MET B 173 2.12 -26.64 35.16
C MET B 173 3.14 -26.61 34.03
N LYS B 174 2.68 -26.83 32.80
CA LYS B 174 3.58 -26.95 31.64
C LYS B 174 4.35 -25.66 31.38
N GLU B 175 3.74 -24.53 31.70
CA GLU B 175 4.42 -23.24 31.56
C GLU B 175 5.75 -23.20 32.30
N ASN B 176 5.91 -24.09 33.27
CA ASN B 176 7.12 -24.14 34.09
C ASN B 176 8.20 -25.07 33.54
N GLY B 177 7.97 -25.61 32.35
CA GLY B 177 8.90 -26.56 31.77
C GLY B 177 10.25 -25.93 31.44
N LYS B 178 10.22 -24.68 30.99
CA LYS B 178 11.43 -23.99 30.58
C LYS B 178 12.38 -23.74 31.76
N VAL B 179 11.83 -23.30 32.89
CA VAL B 179 12.68 -23.08 34.06
C VAL B 179 13.29 -24.40 34.51
N ILE B 180 12.49 -25.45 34.48
CA ILE B 180 12.92 -26.75 34.96
C ILE B 180 14.07 -27.30 34.10
N SER B 181 13.92 -27.23 32.78
CA SER B 181 15.00 -27.67 31.90
C SER B 181 16.22 -26.73 31.93
N PHE B 182 16.01 -25.42 32.10
CA PHE B 182 17.12 -24.50 32.30
C PHE B 182 18.12 -25.03 33.33
N PHE B 183 17.59 -25.39 34.51
CA PHE B 183 18.40 -25.92 35.59
C PHE B 183 18.72 -27.42 35.44
N LYS B 184 18.55 -27.91 34.22
CA LYS B 184 19.00 -29.25 33.84
C LYS B 184 18.36 -30.34 34.71
N LEU B 185 17.10 -30.15 35.06
CA LEU B 185 16.40 -31.10 35.92
C LEU B 185 15.29 -31.83 35.18
N LYS B 186 14.99 -33.04 35.64
CA LYS B 186 13.92 -33.83 35.05
C LYS B 186 12.81 -34.08 36.07
N GLU B 187 11.61 -34.36 35.58
CA GLU B 187 10.46 -34.69 36.41
C GLU B 187 10.79 -35.73 37.46
N SER B 188 11.60 -36.73 37.07
CA SER B 188 11.91 -37.85 37.95
C SER B 188 12.86 -37.47 39.10
N GLN B 189 13.40 -36.26 39.06
CA GLN B 189 14.31 -35.79 40.12
C GLN B 189 13.59 -34.86 41.10
N LEU B 190 12.31 -34.64 40.87
CA LEU B 190 11.55 -33.69 41.68
C LEU B 190 10.95 -34.36 42.92
N PRO B 191 10.89 -33.64 44.06
CA PRO B 191 11.27 -32.25 44.29
C PRO B 191 12.77 -31.96 44.22
N ALA B 192 13.10 -30.75 43.81
CA ALA B 192 14.49 -30.31 43.77
C ALA B 192 14.58 -28.83 44.07
N LEU B 193 15.72 -28.42 44.60
CA LEU B 193 16.01 -27.02 44.88
C LEU B 193 16.88 -26.49 43.76
N ALA B 194 16.64 -25.22 43.39
CA ALA B 194 17.49 -24.52 42.44
C ALA B 194 17.69 -23.11 42.94
N ILE B 195 18.95 -22.70 43.08
CA ILE B 195 19.23 -21.38 43.65
C ILE B 195 20.03 -20.51 42.70
N TYR B 196 19.67 -19.24 42.58
CA TYR B 196 20.34 -18.37 41.62
C TYR B 196 20.41 -16.91 42.05
N GLN B 197 21.13 -16.11 41.26
CA GLN B 197 21.26 -14.69 41.51
C GLN B 197 20.59 -13.91 40.40
N THR B 198 20.06 -12.74 40.73
CA THR B 198 19.43 -11.88 39.73
C THR B 198 20.41 -11.07 38.89
N LEU B 199 21.58 -10.78 39.46
CA LEU B 199 22.59 -9.99 38.77
C LEU B 199 23.83 -10.80 38.33
N ASP B 200 23.88 -12.07 38.72
CA ASP B 200 25.06 -12.90 38.45
C ASP B 200 24.76 -14.30 37.93
N ASP B 201 25.74 -14.93 37.31
CA ASP B 201 25.52 -16.15 36.54
C ASP B 201 25.48 -17.46 37.32
N GLU B 202 26.13 -17.51 38.49
CA GLU B 202 26.24 -18.76 39.24
C GLU B 202 24.92 -19.24 39.85
N TRP B 203 24.68 -20.54 39.73
CA TRP B 203 23.51 -21.19 40.32
C TRP B 203 23.85 -22.60 40.77
N ASP B 204 22.96 -23.21 41.55
CA ASP B 204 23.19 -24.58 42.00
C ASP B 204 21.85 -25.33 42.06
N THR B 205 21.88 -26.66 42.07
CA THR B 205 20.66 -27.47 42.23
C THR B 205 20.86 -28.64 43.20
N LEU B 206 19.76 -29.13 43.75
CA LEU B 206 19.76 -30.27 44.66
C LEU B 206 18.61 -31.21 44.30
N PRO B 207 18.85 -32.08 43.31
CA PRO B 207 17.85 -33.01 42.76
C PRO B 207 17.37 -34.00 43.81
N THR B 208 16.24 -34.66 43.56
CA THR B 208 15.66 -35.66 44.47
C THR B 208 15.75 -35.20 45.94
N ALA B 209 15.53 -33.91 46.15
CA ALA B 209 15.70 -33.31 47.46
C ALA B 209 14.73 -33.88 48.48
N GLU B 210 15.21 -34.03 49.70
CA GLU B 210 14.34 -34.24 50.84
C GLU B 210 14.11 -32.86 51.40
N VAL B 211 12.88 -32.38 51.28
CA VAL B 211 12.59 -31.02 51.69
C VAL B 211 12.62 -30.95 53.21
N SER B 212 13.83 -30.86 53.75
CA SER B 212 14.04 -30.80 55.18
C SER B 212 14.87 -29.56 55.47
N VAL B 213 14.62 -28.94 56.63
CA VAL B 213 15.27 -27.68 56.97
C VAL B 213 16.79 -27.77 56.89
N GLU B 214 17.36 -28.82 57.45
CA GLU B 214 18.80 -29.02 57.44
C GLU B 214 19.34 -29.04 56.01
N HIS B 215 18.75 -29.86 55.14
CA HIS B 215 19.15 -29.93 53.74
C HIS B 215 19.10 -28.58 53.05
N VAL B 216 17.96 -27.89 53.16
CA VAL B 216 17.80 -26.56 52.59
C VAL B 216 18.79 -25.58 53.22
N GLN B 217 18.99 -25.69 54.52
CA GLN B 217 19.88 -24.76 55.22
C GLN B 217 21.31 -24.85 54.69
N ASN B 218 21.84 -26.07 54.56
CA ASN B 218 23.22 -26.25 54.15
C ASN B 218 23.39 -25.94 52.67
N PHE B 219 22.40 -26.31 51.88
CA PHE B 219 22.39 -25.95 50.47
C PHE B 219 22.54 -24.44 50.34
N CYS B 220 21.65 -23.71 51.00
CA CYS B 220 21.67 -22.25 50.98
C CYS B 220 22.95 -21.67 51.57
N ASP B 221 23.34 -22.15 52.74
CA ASP B 221 24.55 -21.65 53.36
C ASP B 221 25.75 -21.97 52.50
N GLY B 222 25.74 -23.16 51.92
CA GLY B 222 26.74 -23.55 50.95
C GLY B 222 26.87 -22.54 49.83
N PHE B 223 25.76 -22.23 49.17
CA PHE B 223 25.77 -21.28 48.07
C PHE B 223 26.10 -19.86 48.54
N LEU B 224 25.56 -19.47 49.69
CA LEU B 224 25.78 -18.13 50.23
C LEU B 224 27.25 -17.86 50.57
N SER B 225 27.98 -18.95 50.88
CA SER B 225 29.40 -18.87 51.23
C SER B 225 30.23 -18.25 50.11
N GLY B 226 30.66 -17.01 50.32
CA GLY B 226 31.40 -16.27 49.32
C GLY B 226 30.85 -14.87 49.12
N LYS B 227 29.53 -14.72 49.19
CA LYS B 227 28.89 -13.42 49.08
C LYS B 227 28.51 -12.89 50.47
N GLN C 9 -16.64 32.49 -43.36
CA GLN C 9 -15.77 33.16 -42.42
C GLN C 9 -14.33 33.08 -42.86
N GLU C 10 -13.43 32.86 -41.90
CA GLU C 10 -12.00 32.92 -42.19
C GLU C 10 -11.19 31.80 -41.55
N PRO C 11 -10.09 31.40 -42.23
CA PRO C 11 -9.16 30.39 -41.73
C PRO C 11 -8.51 30.81 -40.41
N THR C 12 -8.17 29.85 -39.57
CA THR C 12 -7.50 30.15 -38.31
C THR C 12 -6.01 30.44 -38.51
N TRP C 13 -5.54 31.52 -37.92
CA TRP C 13 -4.12 31.86 -37.95
C TRP C 13 -3.32 31.02 -36.97
N LEU C 14 -2.31 30.32 -37.47
CA LEU C 14 -1.44 29.50 -36.63
C LEU C 14 -0.07 30.15 -36.43
N THR C 15 0.29 30.41 -35.18
CA THR C 15 1.51 31.20 -34.91
C THR C 15 2.69 30.37 -34.42
N ASP C 16 2.45 29.13 -34.04
CA ASP C 16 3.52 28.29 -33.52
C ASP C 16 3.24 26.81 -33.75
N VAL C 17 4.28 25.99 -33.69
CA VAL C 17 4.14 24.57 -33.99
C VAL C 17 3.12 23.83 -33.10
N PRO C 18 3.16 24.04 -31.78
CA PRO C 18 2.11 23.37 -31.00
C PRO C 18 0.68 23.80 -31.37
N ALA C 19 0.46 25.08 -31.66
CA ALA C 19 -0.87 25.52 -32.10
C ALA C 19 -1.30 24.82 -33.40
N ALA C 20 -0.37 24.70 -34.35
CA ALA C 20 -0.66 24.04 -35.63
C ALA C 20 -0.95 22.54 -35.50
N MET C 21 -0.12 21.82 -34.75
CA MET C 21 -0.33 20.39 -34.53
C MET C 21 -1.69 20.12 -33.91
N GLU C 22 -2.05 20.92 -32.91
CA GLU C 22 -3.35 20.82 -32.26
C GLU C 22 -4.49 21.03 -33.24
N PHE C 23 -4.42 22.14 -33.97
CA PHE C 23 -5.38 22.46 -35.03
C PHE C 23 -5.56 21.27 -35.99
N ILE C 24 -4.47 20.73 -36.52
CA ILE C 24 -4.58 19.60 -37.44
C ILE C 24 -5.16 18.35 -36.76
N ALA C 25 -4.71 18.08 -35.54
CA ALA C 25 -5.26 16.95 -34.78
C ALA C 25 -6.75 17.08 -34.43
N ALA C 26 -7.29 18.31 -34.45
CA ALA C 26 -8.65 18.59 -33.93
C ALA C 26 -9.79 18.18 -34.88
N THR C 27 -9.43 17.95 -36.14
CA THR C 27 -10.39 17.62 -37.18
C THR C 27 -9.90 16.47 -38.05
N GLU C 28 -10.82 15.78 -38.71
CA GLU C 28 -10.43 14.71 -39.62
C GLU C 28 -9.73 15.24 -40.86
N VAL C 29 -10.25 16.33 -41.43
CA VAL C 29 -9.63 16.92 -42.61
C VAL C 29 -9.32 18.39 -42.37
N ALA C 30 -8.07 18.79 -42.61
CA ALA C 30 -7.68 20.19 -42.44
C ALA C 30 -7.01 20.71 -43.70
N VAL C 31 -7.23 21.98 -43.99
CA VAL C 31 -6.53 22.60 -45.09
C VAL C 31 -5.86 23.89 -44.62
N ILE C 32 -4.55 23.98 -44.83
CA ILE C 32 -3.78 25.14 -44.38
C ILE C 32 -2.94 25.75 -45.49
N GLY C 33 -2.91 27.08 -45.54
CA GLY C 33 -2.01 27.78 -46.45
C GLY C 33 -0.79 28.28 -45.70
N PHE C 34 0.38 27.82 -46.12
CA PHE C 34 1.65 28.28 -45.56
C PHE C 34 2.25 29.25 -46.54
N PHE C 35 2.40 30.50 -46.13
CA PHE C 35 2.81 31.54 -47.06
C PHE C 35 4.07 32.28 -46.65
N GLN C 36 4.95 32.48 -47.62
CA GLN C 36 6.11 33.36 -47.45
C GLN C 36 5.76 34.72 -48.06
N ASP C 37 4.61 34.76 -48.74
CA ASP C 37 4.14 35.97 -49.40
C ASP C 37 2.62 36.02 -49.44
N LEU C 38 2.03 36.94 -48.67
CA LEU C 38 0.58 37.10 -48.64
C LEU C 38 0.10 37.94 -49.82
N GLU C 39 1.02 38.25 -50.72
CA GLU C 39 0.71 39.06 -51.89
C GLU C 39 0.49 38.18 -53.13
N ILE C 40 -0.18 37.05 -52.94
CA ILE C 40 -0.45 36.11 -54.04
C ILE C 40 -1.93 35.76 -54.11
N PRO C 41 -2.42 35.37 -55.30
CA PRO C 41 -3.86 35.13 -55.47
C PRO C 41 -4.40 33.95 -54.67
N ALA C 42 -3.52 33.07 -54.21
CA ALA C 42 -3.95 31.88 -53.49
C ALA C 42 -4.57 32.22 -52.13
N VAL C 43 -4.23 33.40 -51.62
CA VAL C 43 -4.69 33.83 -50.30
C VAL C 43 -6.20 34.11 -50.25
N PRO C 44 -6.72 35.02 -51.10
CA PRO C 44 -8.17 35.27 -51.05
C PRO C 44 -8.98 34.06 -51.48
N ILE C 45 -8.51 33.34 -52.50
CA ILE C 45 -9.15 32.11 -52.94
C ILE C 45 -9.28 31.09 -51.81
N LEU C 46 -8.25 31.02 -50.97
CA LEU C 46 -8.26 30.11 -49.81
C LEU C 46 -9.33 30.56 -48.82
N HIS C 47 -9.47 31.87 -48.65
CA HIS C 47 -10.48 32.42 -47.76
C HIS C 47 -11.88 32.07 -48.24
N SER C 48 -12.09 32.12 -49.55
CA SER C 48 -13.40 31.81 -50.12
C SER C 48 -13.79 30.33 -49.96
N MET C 49 -12.84 29.48 -49.59
CA MET C 49 -13.13 28.05 -49.45
C MET C 49 -13.82 27.72 -48.16
N VAL C 50 -13.63 28.55 -47.14
CA VAL C 50 -14.12 28.23 -45.80
C VAL C 50 -15.62 27.98 -45.79
N GLN C 51 -16.38 28.93 -46.33
CA GLN C 51 -17.84 28.85 -46.42
C GLN C 51 -18.35 27.70 -47.30
N LYS C 52 -17.51 27.19 -48.20
CA LYS C 52 -17.94 26.20 -49.18
C LYS C 52 -17.68 24.75 -48.74
N PHE C 53 -16.86 24.59 -47.71
CA PHE C 53 -16.46 23.27 -47.22
C PHE C 53 -16.61 23.16 -45.71
N PRO C 54 -17.85 22.96 -45.26
CA PRO C 54 -18.12 22.90 -43.82
C PRO C 54 -17.50 21.68 -43.15
N GLY C 55 -17.17 20.64 -43.92
CA GLY C 55 -16.57 19.44 -43.35
C GLY C 55 -15.06 19.54 -43.16
N VAL C 56 -14.51 20.71 -43.45
CA VAL C 56 -13.06 20.91 -43.49
C VAL C 56 -12.71 22.09 -42.59
N SER C 57 -11.62 21.95 -41.84
CA SER C 57 -11.19 23.02 -40.97
C SER C 57 -10.02 23.73 -41.64
N PHE C 58 -10.13 25.06 -41.78
CA PHE C 58 -9.14 25.83 -42.54
C PHE C 58 -8.23 26.69 -41.65
N GLY C 59 -6.95 26.64 -41.97
CA GLY C 59 -5.96 27.42 -41.26
C GLY C 59 -5.05 28.18 -42.21
N ILE C 60 -4.16 29.01 -41.65
CA ILE C 60 -3.24 29.80 -42.44
C ILE C 60 -2.08 30.20 -41.54
N SER C 61 -0.86 30.22 -42.08
CA SER C 61 0.32 30.53 -41.27
C SER C 61 1.48 31.05 -42.12
N THR C 62 2.22 31.97 -41.52
CA THR C 62 3.40 32.55 -42.14
C THR C 62 4.56 32.51 -41.15
N ASP C 63 4.38 31.77 -40.06
CA ASP C 63 5.43 31.64 -39.06
C ASP C 63 6.54 30.70 -39.53
N SER C 64 7.77 31.19 -39.42
CA SER C 64 8.97 30.49 -39.88
C SER C 64 9.17 29.10 -39.28
N GLU C 65 8.72 28.90 -38.04
CA GLU C 65 8.89 27.60 -37.41
C GLU C 65 7.82 26.64 -37.87
N VAL C 66 6.61 27.15 -38.03
CA VAL C 66 5.48 26.37 -38.52
C VAL C 66 5.79 25.85 -39.92
N LEU C 67 6.19 26.75 -40.81
CA LEU C 67 6.56 26.34 -42.16
C LEU C 67 7.65 25.27 -42.16
N THR C 68 8.71 25.50 -41.39
CA THR C 68 9.82 24.55 -41.27
C THR C 68 9.34 23.17 -40.79
N HIS C 69 8.51 23.18 -39.74
CA HIS C 69 8.00 21.96 -39.15
C HIS C 69 7.26 21.11 -40.17
N TYR C 70 6.52 21.75 -41.05
CA TYR C 70 5.78 21.05 -42.09
C TYR C 70 6.54 21.01 -43.42
N ASN C 71 7.85 21.21 -43.35
CA ASN C 71 8.75 21.16 -44.51
C ASN C 71 8.24 21.94 -45.71
N ILE C 72 7.97 23.22 -45.48
CA ILE C 72 7.38 24.08 -46.49
C ILE C 72 8.46 25.01 -47.02
N THR C 73 8.74 24.87 -48.32
CA THR C 73 9.78 25.67 -48.97
C THR C 73 9.20 26.61 -50.02
N GLY C 74 8.20 27.39 -49.60
CA GLY C 74 7.54 28.33 -50.50
C GLY C 74 6.03 28.27 -50.36
N ASN C 75 5.35 29.24 -50.96
CA ASN C 75 3.89 29.32 -50.93
C ASN C 75 3.22 27.98 -51.28
N THR C 76 2.48 27.44 -50.34
CA THR C 76 1.95 26.08 -50.41
C THR C 76 0.61 26.01 -49.71
N ILE C 77 -0.35 25.31 -50.31
CA ILE C 77 -1.59 24.95 -49.61
C ILE C 77 -1.63 23.44 -49.38
N CYS C 78 -1.72 23.04 -48.11
CA CYS C 78 -1.72 21.63 -47.78
C CYS C 78 -3.05 21.12 -47.28
N LEU C 79 -3.47 19.97 -47.79
CA LEU C 79 -4.56 19.24 -47.16
C LEU C 79 -3.96 18.16 -46.27
N PHE C 80 -4.37 18.15 -45.00
CA PHE C 80 -3.98 17.11 -44.06
C PHE C 80 -5.18 16.25 -43.73
N ARG C 81 -4.97 14.98 -43.42
CA ARG C 81 -6.09 14.12 -43.07
C ARG C 81 -5.68 12.95 -42.19
N LEU C 82 -6.47 12.77 -41.15
CA LEU C 82 -6.25 11.76 -40.13
C LEU C 82 -6.19 10.33 -40.66
N VAL C 83 -7.09 10.02 -41.58
CA VAL C 83 -7.39 8.63 -41.92
C VAL C 83 -6.17 7.87 -42.45
N ASP C 84 -5.29 8.54 -43.17
CA ASP C 84 -4.04 7.94 -43.61
C ASP C 84 -2.82 8.82 -43.31
N ASN C 85 -3.00 9.78 -42.38
CA ASN C 85 -1.93 10.70 -41.97
C ASN C 85 -1.25 11.43 -43.13
N GLU C 86 -2.03 11.86 -44.12
CA GLU C 86 -1.41 12.54 -45.26
C GLU C 86 -1.15 14.01 -45.05
N GLN C 87 -0.20 14.52 -45.82
CA GLN C 87 0.00 15.94 -46.04
C GLN C 87 0.18 16.08 -47.55
N LEU C 88 -0.86 16.56 -48.23
CA LEU C 88 -0.81 16.73 -49.69
C LEU C 88 -0.65 18.20 -50.02
N ASN C 89 0.32 18.50 -50.88
CA ASN C 89 0.70 19.88 -51.17
C ASN C 89 0.18 20.39 -52.50
N LEU C 90 -0.40 21.59 -52.48
CA LEU C 90 -0.56 22.38 -53.70
C LEU C 90 0.60 23.35 -53.74
N GLU C 91 1.55 23.09 -54.64
CA GLU C 91 2.82 23.81 -54.68
C GLU C 91 3.13 24.37 -56.06
N ASP C 92 4.03 25.36 -56.09
CA ASP C 92 4.59 25.89 -57.34
C ASP C 92 3.59 26.18 -58.46
N GLU C 93 3.63 25.35 -59.50
CA GLU C 93 2.77 25.47 -60.67
C GLU C 93 1.32 25.72 -60.30
N ASP C 94 0.78 24.80 -59.52
CA ASP C 94 -0.62 24.79 -59.13
C ASP C 94 -1.06 26.02 -58.31
N ILE C 95 -0.15 26.55 -57.50
CA ILE C 95 -0.47 27.68 -56.63
C ILE C 95 -0.33 29.02 -57.34
N GLU C 96 0.54 29.06 -58.34
CA GLU C 96 0.79 30.28 -59.10
C GLU C 96 -0.38 30.56 -60.03
N SER C 97 -0.91 29.50 -60.64
CA SER C 97 -2.03 29.60 -61.57
C SER C 97 -3.32 29.12 -60.93
N ILE C 98 -3.36 29.12 -59.61
CA ILE C 98 -4.53 28.63 -58.88
C ILE C 98 -5.76 29.45 -59.24
N ASP C 99 -6.91 28.77 -59.33
CA ASP C 99 -8.20 29.45 -59.36
C ASP C 99 -9.11 28.73 -58.40
N ALA C 100 -10.32 29.26 -58.23
CA ALA C 100 -11.20 28.76 -57.18
C ALA C 100 -11.64 27.30 -57.40
N THR C 101 -11.83 26.89 -58.66
CA THR C 101 -12.27 25.53 -58.96
C THR C 101 -11.16 24.52 -58.82
N LYS C 102 -9.95 24.94 -59.18
CA LYS C 102 -8.81 24.05 -59.07
C LYS C 102 -8.56 23.67 -57.59
N LEU C 103 -8.62 24.65 -56.69
CA LEU C 103 -8.48 24.39 -55.27
C LEU C 103 -9.72 23.64 -54.73
N SER C 104 -10.87 24.03 -55.25
CA SER C 104 -12.14 23.39 -54.94
C SER C 104 -12.09 21.86 -55.16
N ARG C 105 -11.64 21.44 -56.34
CA ARG C 105 -11.67 20.03 -56.70
C ARG C 105 -10.58 19.27 -55.94
N PHE C 106 -9.43 19.93 -55.75
CA PHE C 106 -8.34 19.39 -54.94
C PHE C 106 -8.84 18.99 -53.57
N ILE C 107 -9.73 19.80 -53.00
CA ILE C 107 -10.28 19.50 -51.67
C ILE C 107 -11.32 18.38 -51.75
N GLU C 108 -12.15 18.43 -52.77
CA GLU C 108 -13.14 17.37 -52.97
C GLU C 108 -12.57 15.98 -53.14
N ILE C 109 -11.51 15.84 -53.95
CA ILE C 109 -10.96 14.53 -54.27
C ILE C 109 -10.21 14.00 -53.06
N ASN C 110 -9.56 14.91 -52.33
CA ASN C 110 -8.67 14.53 -51.24
C ASN C 110 -9.27 14.51 -49.83
N SER C 111 -10.53 14.95 -49.70
CA SER C 111 -11.20 14.94 -48.39
C SER C 111 -11.68 13.55 -48.04
N LEU C 112 -10.76 12.71 -47.56
CA LEU C 112 -11.10 11.40 -47.05
C LEU C 112 -11.21 11.50 -45.53
N HIS C 113 -12.33 11.05 -44.99
CA HIS C 113 -12.59 11.08 -43.54
C HIS C 113 -12.45 9.67 -42.99
N MET C 114 -12.75 9.49 -41.70
CA MET C 114 -12.73 8.16 -41.12
C MET C 114 -13.80 7.27 -41.78
N VAL C 115 -14.91 7.88 -42.18
CA VAL C 115 -15.84 7.22 -43.09
C VAL C 115 -16.08 8.19 -44.24
N THR C 116 -15.66 7.82 -45.45
CA THR C 116 -15.81 8.68 -46.61
C THR C 116 -17.04 8.25 -47.41
N GLU C 117 -17.88 9.21 -47.82
CA GLU C 117 -19.02 8.90 -48.70
C GLU C 117 -18.58 8.73 -50.15
N TYR C 118 -19.10 7.68 -50.78
CA TYR C 118 -18.71 7.29 -52.11
C TYR C 118 -19.40 8.14 -53.18
N ASN C 119 -18.60 8.79 -54.00
CA ASN C 119 -19.10 9.36 -55.25
C ASN C 119 -17.98 9.26 -56.29
N PRO C 120 -18.27 9.61 -57.56
CA PRO C 120 -17.22 9.53 -58.58
C PRO C 120 -15.94 10.32 -58.24
N VAL C 121 -16.05 11.42 -57.51
CA VAL C 121 -14.88 12.21 -57.16
C VAL C 121 -14.05 11.62 -55.99
N THR C 122 -14.73 11.20 -54.93
CA THR C 122 -14.04 10.70 -53.74
C THR C 122 -13.42 9.34 -53.97
N VAL C 123 -13.99 8.55 -54.88
CA VAL C 123 -13.44 7.22 -55.14
C VAL C 123 -12.05 7.37 -55.76
N ILE C 124 -11.84 8.45 -56.51
CA ILE C 124 -10.52 8.74 -57.06
C ILE C 124 -9.55 8.96 -55.89
N GLY C 125 -9.90 9.88 -55.00
CA GLY C 125 -9.10 10.10 -53.79
C GLY C 125 -8.78 8.82 -53.05
N LEU C 126 -9.80 8.00 -52.88
CA LEU C 126 -9.67 6.73 -52.19
C LEU C 126 -8.64 5.85 -52.87
N PHE C 127 -8.71 5.75 -54.19
CA PHE C 127 -7.76 4.92 -54.91
C PHE C 127 -6.33 5.47 -54.92
N ASN C 128 -6.17 6.74 -54.60
CA ASN C 128 -4.86 7.37 -54.58
C ASN C 128 -4.22 7.35 -53.19
N SER C 129 -4.92 6.79 -52.20
CA SER C 129 -4.36 6.64 -50.86
C SER C 129 -3.36 5.49 -50.84
N VAL C 130 -2.37 5.56 -49.96
CA VAL C 130 -1.42 4.47 -49.80
C VAL C 130 -2.10 3.24 -49.21
N ILE C 131 -3.21 3.45 -48.53
CA ILE C 131 -4.01 2.34 -48.02
C ILE C 131 -4.79 1.71 -49.16
N GLN C 132 -4.52 0.43 -49.43
CA GLN C 132 -5.01 -0.22 -50.65
C GLN C 132 -6.16 -1.19 -50.37
N ILE C 133 -6.62 -1.22 -49.13
CA ILE C 133 -7.80 -2.02 -48.78
C ILE C 133 -8.99 -1.09 -48.45
N HIS C 134 -10.11 -1.29 -49.15
CA HIS C 134 -11.33 -0.50 -48.98
C HIS C 134 -12.45 -1.36 -48.43
N LEU C 135 -13.26 -0.80 -47.53
CA LEU C 135 -14.47 -1.48 -47.04
C LEU C 135 -15.64 -0.58 -47.35
N LEU C 136 -16.71 -1.16 -47.90
CA LEU C 136 -17.90 -0.38 -48.22
C LEU C 136 -19.06 -0.86 -47.39
N LEU C 137 -19.76 0.08 -46.78
CA LEU C 137 -21.06 -0.22 -46.22
C LEU C 137 -22.05 0.29 -47.24
N ILE C 138 -22.86 -0.63 -47.77
CA ILE C 138 -23.85 -0.27 -48.77
C ILE C 138 -25.26 -0.30 -48.16
N MET C 139 -25.79 0.89 -47.91
CA MET C 139 -27.15 1.01 -47.38
C MET C 139 -27.80 2.32 -47.78
N ASN C 140 -29.09 2.45 -47.49
CA ASN C 140 -29.84 3.65 -47.86
C ASN C 140 -29.82 4.71 -46.76
N LYS C 141 -29.33 5.91 -47.08
CA LYS C 141 -29.30 7.03 -46.14
C LYS C 141 -30.67 7.45 -45.64
N ALA C 142 -31.72 7.09 -46.38
CA ALA C 142 -33.10 7.38 -45.97
C ALA C 142 -33.66 6.28 -45.07
N SER C 143 -32.84 5.28 -44.76
CA SER C 143 -33.29 4.20 -43.91
C SER C 143 -33.38 4.68 -42.47
N PRO C 144 -34.42 4.24 -41.76
CA PRO C 144 -34.54 4.62 -40.35
C PRO C 144 -33.34 4.12 -39.51
N GLU C 145 -32.72 3.02 -39.93
CA GLU C 145 -31.58 2.45 -39.21
C GLU C 145 -30.26 3.10 -39.63
N TYR C 146 -30.31 4.04 -40.56
CA TYR C 146 -29.07 4.62 -41.06
C TYR C 146 -28.20 5.20 -39.95
N GLU C 147 -28.82 5.99 -39.07
CA GLU C 147 -28.08 6.67 -38.01
C GLU C 147 -27.36 5.68 -37.08
N GLU C 148 -28.07 4.64 -36.65
CA GLU C 148 -27.52 3.66 -35.72
C GLU C 148 -26.40 2.86 -36.36
N ASN C 149 -26.60 2.53 -37.64
CA ASN C 149 -25.61 1.76 -38.37
C ASN C 149 -24.33 2.55 -38.60
N MET C 150 -24.47 3.77 -39.10
CA MET C 150 -23.32 4.63 -39.34
C MET C 150 -22.52 4.89 -38.07
N HIS C 151 -23.21 4.93 -36.94
CA HIS C 151 -22.51 5.16 -35.70
C HIS C 151 -21.60 3.99 -35.35
N ARG C 152 -22.08 2.76 -35.54
CA ARG C 152 -21.26 1.57 -35.29
C ARG C 152 -20.13 1.40 -36.30
N TYR C 153 -20.40 1.74 -37.56
CA TYR C 153 -19.41 1.69 -38.63
C TYR C 153 -18.28 2.65 -38.28
N GLN C 154 -18.63 3.84 -37.80
CA GLN C 154 -17.66 4.82 -37.37
C GLN C 154 -16.76 4.29 -36.28
N LYS C 155 -17.35 3.63 -35.29
CA LYS C 155 -16.58 3.02 -34.19
C LYS C 155 -15.62 1.96 -34.71
N ALA C 156 -16.12 1.12 -35.62
CA ALA C 156 -15.30 0.06 -36.18
C ALA C 156 -14.19 0.65 -37.04
N ALA C 157 -14.44 1.81 -37.65
CA ALA C 157 -13.42 2.44 -38.47
C ALA C 157 -12.14 2.72 -37.69
N LYS C 158 -12.30 3.13 -36.43
CA LYS C 158 -11.15 3.51 -35.63
C LYS C 158 -10.21 2.34 -35.39
N LEU C 159 -10.78 1.14 -35.26
CA LEU C 159 -10.00 -0.07 -35.04
C LEU C 159 -9.12 -0.47 -36.22
N PHE C 160 -9.28 0.21 -37.36
CA PHE C 160 -8.53 -0.19 -38.54
C PHE C 160 -7.80 0.96 -39.17
N GLN C 161 -7.67 2.05 -38.41
CA GLN C 161 -7.08 3.27 -38.92
C GLN C 161 -5.64 2.95 -39.38
N GLY C 162 -5.34 3.35 -40.61
CA GLY C 162 -4.06 3.05 -41.22
C GLY C 162 -4.04 1.76 -42.03
N LYS C 163 -5.05 0.90 -41.84
CA LYS C 163 -5.12 -0.40 -42.52
C LYS C 163 -6.23 -0.49 -43.57
N ILE C 164 -7.42 0.00 -43.24
CA ILE C 164 -8.56 -0.08 -44.16
C ILE C 164 -9.26 1.26 -44.22
N LEU C 165 -9.57 1.69 -45.44
CA LEU C 165 -10.39 2.88 -45.65
C LEU C 165 -11.88 2.50 -45.59
N PHE C 166 -12.59 3.03 -44.59
CA PHE C 166 -14.04 2.82 -44.48
C PHE C 166 -14.82 3.79 -45.35
N ILE C 167 -15.72 3.24 -46.16
CA ILE C 167 -16.48 4.01 -47.13
C ILE C 167 -17.98 3.74 -46.99
N LEU C 168 -18.80 4.76 -47.14
CA LEU C 168 -20.25 4.56 -47.23
C LEU C 168 -20.75 4.69 -48.66
N VAL C 169 -21.50 3.68 -49.11
CA VAL C 169 -22.20 3.77 -50.40
C VAL C 169 -23.70 3.90 -50.16
N ASP C 170 -24.28 5.03 -50.57
CA ASP C 170 -25.71 5.26 -50.40
C ASP C 170 -26.50 4.60 -51.54
N SER C 171 -27.16 3.50 -51.22
CA SER C 171 -27.93 2.74 -52.20
C SER C 171 -29.16 3.50 -52.70
N GLY C 172 -29.44 4.65 -52.10
CA GLY C 172 -30.56 5.50 -52.51
C GLY C 172 -30.24 6.23 -53.80
N MET C 173 -28.95 6.40 -54.07
CA MET C 173 -28.48 7.07 -55.29
C MET C 173 -28.41 6.11 -56.47
N LYS C 174 -29.13 6.42 -57.56
CA LYS C 174 -29.13 5.54 -58.72
C LYS C 174 -27.71 5.30 -59.26
N GLU C 175 -26.87 6.34 -59.24
CA GLU C 175 -25.51 6.24 -59.76
CA GLU C 175 -25.51 6.25 -59.76
C GLU C 175 -24.70 5.16 -59.04
N ASN C 176 -25.13 4.77 -57.85
CA ASN C 176 -24.47 3.70 -57.10
C ASN C 176 -24.96 2.31 -57.48
N GLY C 177 -25.84 2.23 -58.47
CA GLY C 177 -26.33 0.95 -58.92
C GLY C 177 -25.22 0.02 -59.34
N LYS C 178 -24.24 0.57 -60.07
CA LYS C 178 -23.18 -0.25 -60.67
C LYS C 178 -22.11 -0.68 -59.67
N VAL C 179 -21.95 0.10 -58.59
CA VAL C 179 -21.07 -0.27 -57.49
C VAL C 179 -21.61 -1.53 -56.83
N ILE C 180 -22.91 -1.54 -56.60
CA ILE C 180 -23.61 -2.63 -55.93
C ILE C 180 -23.63 -3.92 -56.76
N SER C 181 -23.93 -3.80 -58.05
CA SER C 181 -23.99 -4.97 -58.92
C SER C 181 -22.61 -5.63 -59.06
N PHE C 182 -21.56 -4.80 -59.12
CA PHE C 182 -20.16 -5.24 -59.14
C PHE C 182 -19.95 -6.38 -58.14
N PHE C 183 -20.46 -6.17 -56.93
CA PHE C 183 -20.32 -7.12 -55.83
C PHE C 183 -21.45 -8.13 -55.75
N LYS C 184 -22.23 -8.23 -56.82
CA LYS C 184 -23.28 -9.24 -56.92
C LYS C 184 -24.31 -9.11 -55.79
N LEU C 185 -24.54 -7.87 -55.35
CA LEU C 185 -25.52 -7.59 -54.31
C LEU C 185 -26.84 -7.08 -54.90
N LYS C 186 -27.92 -7.30 -54.17
CA LYS C 186 -29.25 -6.82 -54.58
C LYS C 186 -29.84 -5.96 -53.48
N GLU C 187 -30.80 -5.10 -53.83
CA GLU C 187 -31.45 -4.18 -52.88
C GLU C 187 -31.86 -4.87 -51.57
N SER C 188 -32.49 -6.03 -51.71
CA SER C 188 -32.97 -6.81 -50.57
C SER C 188 -31.85 -7.35 -49.66
N GLN C 189 -30.61 -7.29 -50.14
CA GLN C 189 -29.47 -7.75 -49.35
C GLN C 189 -28.82 -6.65 -48.54
N LEU C 190 -29.29 -5.41 -48.71
CA LEU C 190 -28.74 -4.27 -47.99
C LEU C 190 -29.45 -4.08 -46.66
N PRO C 191 -28.75 -3.51 -45.66
CA PRO C 191 -27.34 -3.10 -45.63
C PRO C 191 -26.37 -4.27 -45.81
N ALA C 192 -25.24 -4.01 -46.44
CA ALA C 192 -24.22 -5.05 -46.64
C ALA C 192 -22.81 -4.44 -46.70
N LEU C 193 -21.84 -5.27 -46.35
CA LEU C 193 -20.44 -4.90 -46.45
C LEU C 193 -19.83 -5.51 -47.71
N ALA C 194 -18.95 -4.77 -48.37
CA ALA C 194 -18.07 -5.33 -49.38
C ALA C 194 -16.65 -4.84 -49.11
N ILE C 195 -15.70 -5.77 -49.08
CA ILE C 195 -14.30 -5.38 -48.93
C ILE C 195 -13.49 -5.79 -50.19
N TYR C 196 -12.58 -4.92 -50.63
CA TYR C 196 -11.71 -5.23 -51.75
C TYR C 196 -10.30 -4.63 -51.61
N GLN C 197 -9.45 -5.00 -52.55
CA GLN C 197 -8.11 -4.44 -52.71
C GLN C 197 -8.12 -3.56 -53.95
N THR C 198 -7.29 -2.52 -53.96
CA THR C 198 -7.22 -1.64 -55.11
C THR C 198 -6.38 -2.24 -56.22
N LEU C 199 -5.31 -2.93 -55.85
CA LEU C 199 -4.31 -3.40 -56.79
C LEU C 199 -4.52 -4.88 -57.13
N ASP C 200 -5.62 -5.43 -56.68
CA ASP C 200 -5.85 -6.86 -56.72
C ASP C 200 -7.32 -7.10 -57.06
N ASP C 201 -7.65 -8.31 -57.51
CA ASP C 201 -9.03 -8.64 -57.90
C ASP C 201 -9.85 -9.41 -56.86
N GLU C 202 -9.26 -9.67 -55.69
CA GLU C 202 -9.97 -10.35 -54.61
C GLU C 202 -10.86 -9.42 -53.81
N TRP C 203 -12.09 -9.88 -53.54
CA TRP C 203 -13.03 -9.12 -52.74
C TRP C 203 -13.98 -10.05 -52.00
N ASP C 204 -14.72 -9.50 -51.04
CA ASP C 204 -15.69 -10.29 -50.28
C ASP C 204 -16.87 -9.44 -49.83
N THR C 205 -18.02 -10.07 -49.61
CA THR C 205 -19.19 -9.35 -49.13
C THR C 205 -19.85 -10.01 -47.92
N LEU C 206 -20.63 -9.22 -47.20
CA LEU C 206 -21.42 -9.70 -46.07
C LEU C 206 -22.83 -9.17 -46.21
N PRO C 207 -23.70 -9.94 -46.90
CA PRO C 207 -25.07 -9.52 -47.21
C PRO C 207 -26.01 -9.71 -46.05
N THR C 208 -27.10 -8.94 -46.01
CA THR C 208 -28.05 -8.94 -44.91
C THR C 208 -27.31 -8.66 -43.61
N ALA C 209 -26.26 -7.85 -43.70
CA ALA C 209 -25.36 -7.61 -42.57
C ALA C 209 -26.07 -6.96 -41.42
N GLU C 210 -25.58 -7.29 -40.23
CA GLU C 210 -25.87 -6.52 -39.04
C GLU C 210 -24.62 -5.72 -38.79
N VAL C 211 -24.72 -4.40 -38.85
CA VAL C 211 -23.53 -3.57 -38.71
C VAL C 211 -23.15 -3.34 -37.24
N SER C 212 -22.82 -4.42 -36.55
CA SER C 212 -22.24 -4.32 -35.22
C SER C 212 -20.74 -4.21 -35.37
N VAL C 213 -20.07 -3.60 -34.38
CA VAL C 213 -18.62 -3.43 -34.44
C VAL C 213 -17.91 -4.79 -34.54
N GLU C 214 -18.40 -5.76 -33.77
CA GLU C 214 -17.81 -7.09 -33.74
C GLU C 214 -17.89 -7.84 -35.09
N HIS C 215 -19.02 -7.71 -35.78
CA HIS C 215 -19.21 -8.35 -37.09
C HIS C 215 -18.32 -7.72 -38.15
N VAL C 216 -18.25 -6.40 -38.14
CA VAL C 216 -17.38 -5.66 -39.06
C VAL C 216 -15.94 -6.03 -38.79
N GLN C 217 -15.56 -6.03 -37.52
CA GLN C 217 -14.19 -6.36 -37.16
C GLN C 217 -13.80 -7.79 -37.56
N ASN C 218 -14.70 -8.75 -37.35
CA ASN C 218 -14.46 -10.12 -37.74
C ASN C 218 -14.37 -10.27 -39.24
N PHE C 219 -15.19 -9.50 -39.96
CA PHE C 219 -15.23 -9.56 -41.41
C PHE C 219 -13.91 -9.05 -41.95
N CYS C 220 -13.51 -7.87 -41.49
CA CYS C 220 -12.23 -7.28 -41.87
C CYS C 220 -11.02 -8.16 -41.51
N ASP C 221 -10.98 -8.64 -40.27
CA ASP C 221 -9.85 -9.46 -39.83
C ASP C 221 -9.74 -10.73 -40.66
N GLY C 222 -10.87 -11.37 -40.91
CA GLY C 222 -10.93 -12.51 -41.80
C GLY C 222 -10.33 -12.21 -43.17
N PHE C 223 -10.64 -11.04 -43.72
CA PHE C 223 -10.11 -10.65 -45.02
C PHE C 223 -8.61 -10.36 -44.93
N LEU C 224 -8.22 -9.59 -43.91
CA LEU C 224 -6.82 -9.21 -43.72
C LEU C 224 -5.91 -10.42 -43.53
N SER C 225 -6.50 -11.54 -43.15
CA SER C 225 -5.80 -12.78 -42.83
C SER C 225 -5.13 -13.39 -44.05
N GLY C 226 -3.89 -12.98 -44.32
CA GLY C 226 -3.15 -13.50 -45.46
C GLY C 226 -2.43 -12.38 -46.21
N LYS C 227 -2.68 -11.14 -45.79
CA LYS C 227 -2.03 -9.97 -46.38
C LYS C 227 -1.88 -8.84 -45.36
N GLN D 9 -5.72 -28.29 18.95
CA GLN D 9 -5.78 -27.40 20.10
C GLN D 9 -6.95 -26.42 20.01
N GLU D 10 -7.40 -25.96 21.17
CA GLU D 10 -8.52 -25.03 21.24
C GLU D 10 -8.40 -24.15 22.50
N PRO D 11 -9.09 -23.01 22.51
CA PRO D 11 -8.89 -22.09 23.65
C PRO D 11 -9.36 -22.68 24.97
N THR D 12 -8.72 -22.29 26.06
CA THR D 12 -9.12 -22.76 27.37
C THR D 12 -10.39 -22.05 27.83
N TRP D 13 -11.36 -22.82 28.29
CA TRP D 13 -12.58 -22.23 28.83
C TRP D 13 -12.36 -21.62 30.22
N LEU D 14 -12.76 -20.37 30.36
CA LEU D 14 -12.58 -19.62 31.60
C LEU D 14 -13.91 -19.44 32.31
N THR D 15 -14.04 -20.00 33.51
CA THR D 15 -15.33 -20.12 34.18
C THR D 15 -15.58 -19.07 35.26
N ASP D 16 -14.54 -18.36 35.68
CA ASP D 16 -14.66 -17.43 36.79
C ASP D 16 -13.55 -16.40 36.80
N VAL D 17 -13.76 -15.31 37.53
CA VAL D 17 -12.78 -14.23 37.56
C VAL D 17 -11.38 -14.63 38.05
N PRO D 18 -11.28 -15.44 39.13
CA PRO D 18 -9.93 -15.86 39.52
C PRO D 18 -9.22 -16.72 38.45
N ALA D 19 -9.99 -17.52 37.73
CA ALA D 19 -9.43 -18.35 36.65
C ALA D 19 -8.88 -17.43 35.57
N ALA D 20 -9.67 -16.41 35.24
CA ALA D 20 -9.31 -15.43 34.22
C ALA D 20 -8.02 -14.72 34.59
N MET D 21 -7.95 -14.23 35.82
CA MET D 21 -6.79 -13.48 36.25
C MET D 21 -5.52 -14.34 36.25
N GLU D 22 -5.67 -15.57 36.73
CA GLU D 22 -4.54 -16.47 36.78
C GLU D 22 -4.06 -16.84 35.38
N PHE D 23 -5.01 -17.06 34.47
CA PHE D 23 -4.71 -17.45 33.10
C PHE D 23 -3.91 -16.35 32.39
N ILE D 24 -4.40 -15.13 32.49
CA ILE D 24 -3.71 -13.97 31.91
C ILE D 24 -2.34 -13.73 32.53
N ALA D 25 -2.23 -13.85 33.86
CA ALA D 25 -0.95 -13.75 34.54
C ALA D 25 0.03 -14.89 34.24
N ALA D 26 -0.47 -16.07 33.85
CA ALA D 26 0.37 -17.25 33.68
C ALA D 26 1.26 -17.18 32.42
N THR D 27 0.98 -16.20 31.57
CA THR D 27 1.58 -16.13 30.24
C THR D 27 1.91 -14.69 29.88
N GLU D 28 2.90 -14.49 29.01
CA GLU D 28 3.27 -13.13 28.63
C GLU D 28 2.23 -12.45 27.73
N VAL D 29 1.59 -13.24 26.87
CA VAL D 29 0.62 -12.72 25.92
C VAL D 29 -0.59 -13.64 25.87
N ALA D 30 -1.77 -13.08 26.14
CA ALA D 30 -3.00 -13.86 26.17
C ALA D 30 -4.02 -13.27 25.24
N VAL D 31 -4.75 -14.12 24.53
CA VAL D 31 -5.84 -13.66 23.69
C VAL D 31 -7.09 -14.38 24.10
N ILE D 32 -8.12 -13.60 24.45
CA ILE D 32 -9.34 -14.17 24.99
C ILE D 32 -10.60 -13.60 24.34
N GLY D 33 -11.50 -14.51 23.94
CA GLY D 33 -12.76 -14.12 23.35
C GLY D 33 -13.84 -14.05 24.42
N PHE D 34 -14.40 -12.86 24.63
CA PHE D 34 -15.51 -12.69 25.56
C PHE D 34 -16.80 -12.57 24.78
N PHE D 35 -17.64 -13.60 24.84
CA PHE D 35 -18.86 -13.66 24.03
C PHE D 35 -20.16 -13.71 24.82
N GLN D 36 -21.11 -12.87 24.42
CA GLN D 36 -22.47 -12.92 24.94
C GLN D 36 -23.22 -13.95 24.11
N ASP D 37 -22.71 -14.19 22.91
CA ASP D 37 -23.33 -15.12 21.97
C ASP D 37 -22.28 -15.90 21.20
N LEU D 38 -22.36 -17.22 21.32
CA LEU D 38 -21.37 -18.12 20.73
C LEU D 38 -21.65 -18.45 19.26
N GLU D 39 -22.75 -17.92 18.72
CA GLU D 39 -23.12 -18.21 17.33
C GLU D 39 -22.76 -17.08 16.36
N ILE D 40 -21.49 -16.71 16.37
CA ILE D 40 -20.97 -15.67 15.49
C ILE D 40 -19.66 -16.18 14.85
N PRO D 41 -19.29 -15.63 13.68
CA PRO D 41 -18.06 -16.03 13.00
C PRO D 41 -16.80 -15.94 13.86
N ALA D 42 -16.73 -14.96 14.75
CA ALA D 42 -15.53 -14.75 15.55
C ALA D 42 -15.09 -16.01 16.29
N VAL D 43 -16.04 -16.84 16.69
CA VAL D 43 -15.73 -18.04 17.47
C VAL D 43 -14.86 -19.07 16.73
N PRO D 44 -15.34 -19.63 15.59
CA PRO D 44 -14.44 -20.57 14.91
C PRO D 44 -13.18 -19.89 14.39
N ILE D 45 -13.29 -18.60 14.08
CA ILE D 45 -12.13 -17.81 13.67
C ILE D 45 -11.10 -17.68 14.80
N LEU D 46 -11.58 -17.44 16.03
CA LEU D 46 -10.69 -17.41 17.20
C LEU D 46 -10.04 -18.78 17.41
N HIS D 47 -10.84 -19.84 17.27
CA HIS D 47 -10.34 -21.21 17.40
C HIS D 47 -9.20 -21.50 16.44
N SER D 48 -9.37 -21.08 15.17
CA SER D 48 -8.38 -21.32 14.13
C SER D 48 -7.01 -20.71 14.46
N MET D 49 -6.99 -19.75 15.38
CA MET D 49 -5.76 -19.03 15.73
C MET D 49 -4.82 -19.80 16.67
N VAL D 50 -5.40 -20.70 17.47
CA VAL D 50 -4.61 -21.39 18.50
C VAL D 50 -3.37 -22.08 17.94
N GLN D 51 -3.52 -22.79 16.82
CA GLN D 51 -2.42 -23.54 16.23
C GLN D 51 -1.38 -22.60 15.62
N LYS D 52 -1.83 -21.43 15.18
CA LYS D 52 -0.98 -20.52 14.43
C LYS D 52 -0.10 -19.66 15.32
N PHE D 53 -0.46 -19.57 16.59
CA PHE D 53 0.33 -18.77 17.52
C PHE D 53 0.68 -19.55 18.78
N PRO D 54 1.69 -20.43 18.68
CA PRO D 54 2.11 -21.25 19.83
C PRO D 54 2.64 -20.41 21.00
N GLY D 55 3.10 -19.19 20.74
CA GLY D 55 3.62 -18.32 21.79
C GLY D 55 2.59 -17.49 22.53
N VAL D 56 1.30 -17.78 22.31
CA VAL D 56 0.18 -17.02 22.89
C VAL D 56 -0.80 -17.98 23.53
N SER D 57 -1.26 -17.67 24.75
CA SER D 57 -2.29 -18.52 25.35
C SER D 57 -3.68 -18.04 24.94
N PHE D 58 -4.49 -18.98 24.45
CA PHE D 58 -5.83 -18.62 24.01
C PHE D 58 -6.89 -19.10 24.99
N GLY D 59 -7.86 -18.24 25.26
CA GLY D 59 -8.94 -18.58 26.15
C GLY D 59 -10.27 -18.07 25.65
N ILE D 60 -11.33 -18.56 26.28
CA ILE D 60 -12.69 -18.18 25.89
C ILE D 60 -13.59 -18.23 27.13
N SER D 61 -14.63 -17.41 27.13
CA SER D 61 -15.51 -17.30 28.30
C SER D 61 -16.83 -16.67 27.91
N THR D 62 -17.91 -17.18 28.49
CA THR D 62 -19.23 -16.60 28.31
C THR D 62 -19.83 -16.29 29.68
N ASP D 63 -18.99 -16.37 30.71
CA ASP D 63 -19.44 -16.12 32.08
C ASP D 63 -19.71 -14.63 32.26
N SER D 64 -20.91 -14.32 32.73
CA SER D 64 -21.38 -12.95 32.92
C SER D 64 -20.52 -12.12 33.86
N GLU D 65 -19.99 -12.75 34.92
CA GLU D 65 -19.08 -12.08 35.86
C GLU D 65 -17.69 -11.86 35.27
N VAL D 66 -17.26 -12.77 34.41
CA VAL D 66 -15.95 -12.63 33.77
C VAL D 66 -16.02 -11.41 32.85
N LEU D 67 -17.02 -11.40 31.98
CA LEU D 67 -17.31 -10.26 31.11
C LEU D 67 -17.40 -8.94 31.88
N THR D 68 -18.18 -8.92 32.96
CA THR D 68 -18.30 -7.72 33.79
C THR D 68 -16.94 -7.27 34.34
N HIS D 69 -16.13 -8.23 34.81
CA HIS D 69 -14.80 -7.91 35.36
C HIS D 69 -13.92 -7.19 34.35
N TYR D 70 -13.87 -7.70 33.12
CA TYR D 70 -12.97 -7.12 32.13
C TYR D 70 -13.62 -6.00 31.32
N ASN D 71 -14.79 -5.57 31.80
CA ASN D 71 -15.53 -4.43 31.28
C ASN D 71 -16.05 -4.64 29.84
N ILE D 72 -16.55 -5.84 29.58
CA ILE D 72 -16.97 -6.26 28.24
C ILE D 72 -18.41 -5.89 27.95
N THR D 73 -18.62 -5.15 26.87
CA THR D 73 -19.95 -4.62 26.54
C THR D 73 -20.56 -5.18 25.26
N GLY D 74 -20.33 -6.47 25.00
CA GLY D 74 -20.77 -7.12 23.78
C GLY D 74 -19.70 -8.08 23.32
N ASN D 75 -19.93 -8.77 22.20
CA ASN D 75 -18.94 -9.72 21.67
C ASN D 75 -17.58 -9.08 21.41
N THR D 76 -16.55 -9.62 22.05
CA THR D 76 -15.24 -8.96 22.07
C THR D 76 -14.08 -9.96 22.06
N ILE D 77 -13.03 -9.62 21.32
CA ILE D 77 -11.77 -10.35 21.43
C ILE D 77 -10.73 -9.39 21.99
N CYS D 78 -10.09 -9.79 23.09
CA CYS D 78 -9.05 -8.97 23.68
C CYS D 78 -7.69 -9.66 23.63
N LEU D 79 -6.66 -8.86 23.42
CA LEU D 79 -5.30 -9.34 23.66
C LEU D 79 -4.78 -8.66 24.91
N PHE D 80 -4.22 -9.46 25.81
CA PHE D 80 -3.59 -8.97 27.03
C PHE D 80 -2.11 -9.28 26.95
N ARG D 81 -1.28 -8.36 27.41
CA ARG D 81 0.16 -8.63 27.50
C ARG D 81 0.80 -8.05 28.75
N LEU D 82 1.64 -8.86 29.36
CA LEU D 82 2.30 -8.52 30.60
C LEU D 82 3.19 -7.29 30.48
N VAL D 83 3.93 -7.20 29.38
CA VAL D 83 5.08 -6.29 29.35
C VAL D 83 4.72 -4.82 29.59
N ASP D 84 3.58 -4.38 29.05
CA ASP D 84 3.02 -3.06 29.36
C ASP D 84 1.58 -3.09 29.95
N ASN D 85 1.19 -4.23 30.52
CA ASN D 85 -0.12 -4.42 31.13
C ASN D 85 -1.29 -3.94 30.26
N GLU D 86 -1.23 -4.25 28.97
CA GLU D 86 -2.26 -3.77 28.06
C GLU D 86 -3.43 -4.73 27.93
N GLN D 87 -4.58 -4.14 27.60
CA GLN D 87 -5.77 -4.89 27.22
C GLN D 87 -6.27 -4.22 25.95
N LEU D 88 -6.19 -4.94 24.84
CA LEU D 88 -6.56 -4.39 23.54
C LEU D 88 -7.84 -5.03 23.01
N ASN D 89 -8.86 -4.21 22.78
CA ASN D 89 -10.19 -4.71 22.47
C ASN D 89 -10.52 -4.68 20.99
N LEU D 90 -10.89 -5.84 20.46
CA LEU D 90 -11.59 -5.88 19.18
C LEU D 90 -13.09 -6.05 19.46
N GLU D 91 -13.87 -4.99 19.21
CA GLU D 91 -15.31 -5.05 19.48
C GLU D 91 -16.12 -4.25 18.47
N ASP D 92 -17.45 -4.38 18.56
CA ASP D 92 -18.39 -3.71 17.67
C ASP D 92 -18.03 -3.92 16.20
N GLU D 93 -17.71 -2.81 15.53
CA GLU D 93 -17.25 -2.79 14.14
C GLU D 93 -16.26 -3.90 13.82
N ASP D 94 -15.13 -3.89 14.53
CA ASP D 94 -14.02 -4.79 14.26
C ASP D 94 -14.42 -6.26 14.35
N ILE D 95 -15.23 -6.57 15.36
CA ILE D 95 -15.62 -7.95 15.64
C ILE D 95 -16.75 -8.44 14.74
N GLU D 96 -17.62 -7.53 14.31
CA GLU D 96 -18.76 -7.89 13.48
C GLU D 96 -18.29 -8.27 12.10
N SER D 97 -17.27 -7.56 11.61
CA SER D 97 -16.70 -7.84 10.29
C SER D 97 -15.31 -8.46 10.45
N ILE D 98 -15.16 -9.31 11.46
CA ILE D 98 -13.89 -9.97 11.71
C ILE D 98 -13.67 -11.12 10.73
N ASP D 99 -12.47 -11.17 10.15
CA ASP D 99 -12.05 -12.31 9.35
C ASP D 99 -10.69 -12.78 9.84
N ALA D 100 -10.21 -13.90 9.29
CA ALA D 100 -8.97 -14.53 9.71
C ALA D 100 -7.78 -13.58 9.67
N THR D 101 -7.59 -12.90 8.55
CA THR D 101 -6.37 -12.11 8.36
C THR D 101 -6.31 -10.87 9.28
N LYS D 102 -7.44 -10.22 9.51
CA LYS D 102 -7.44 -9.07 10.41
C LYS D 102 -7.09 -9.46 11.87
N LEU D 103 -7.71 -10.53 12.37
CA LEU D 103 -7.39 -11.00 13.72
C LEU D 103 -5.93 -11.46 13.78
N SER D 104 -5.49 -12.14 12.73
CA SER D 104 -4.12 -12.64 12.65
C SER D 104 -3.04 -11.54 12.72
N ARG D 105 -3.15 -10.51 11.88
CA ARG D 105 -2.15 -9.43 11.95
C ARG D 105 -2.24 -8.68 13.27
N PHE D 106 -3.46 -8.53 13.77
CA PHE D 106 -3.69 -7.93 15.09
C PHE D 106 -2.83 -8.63 16.16
N ILE D 107 -2.84 -9.96 16.16
CA ILE D 107 -2.06 -10.71 17.13
C ILE D 107 -0.55 -10.55 16.89
N GLU D 108 -0.12 -10.62 15.63
CA GLU D 108 1.30 -10.45 15.32
C GLU D 108 1.83 -9.08 15.71
N ILE D 109 1.07 -8.04 15.40
CA ILE D 109 1.49 -6.68 15.70
C ILE D 109 1.59 -6.46 17.21
N ASN D 110 0.64 -7.04 17.95
CA ASN D 110 0.54 -6.78 19.38
C ASN D 110 1.11 -7.82 20.34
N SER D 111 1.77 -8.84 19.81
CA SER D 111 2.44 -9.82 20.69
C SER D 111 3.78 -9.30 21.15
N LEU D 112 3.76 -8.43 22.16
CA LEU D 112 4.99 -7.92 22.73
C LEU D 112 5.27 -8.75 23.97
N HIS D 113 6.50 -9.26 24.07
CA HIS D 113 6.89 -10.09 25.19
C HIS D 113 7.83 -9.30 26.11
N MET D 114 8.28 -9.88 27.22
CA MET D 114 9.33 -9.24 28.03
C MET D 114 10.54 -8.87 27.18
N VAL D 115 10.94 -9.76 26.28
CA VAL D 115 11.85 -9.36 25.20
C VAL D 115 11.17 -9.66 23.86
N THR D 116 10.96 -8.62 23.07
CA THR D 116 10.27 -8.77 21.79
C THR D 116 11.26 -8.77 20.62
N GLU D 117 11.10 -9.69 19.68
CA GLU D 117 11.97 -9.67 18.49
C GLU D 117 11.54 -8.60 17.49
N TYR D 118 12.50 -7.78 17.07
CA TYR D 118 12.29 -6.72 16.11
C TYR D 118 12.04 -7.26 14.70
N ASN D 119 10.89 -6.90 14.13
CA ASN D 119 10.61 -7.09 12.71
C ASN D 119 9.58 -5.99 12.37
N PRO D 120 9.30 -5.77 11.08
CA PRO D 120 8.45 -4.63 10.70
C PRO D 120 7.03 -4.68 11.27
N VAL D 121 6.53 -5.86 11.61
CA VAL D 121 5.22 -6.02 12.23
C VAL D 121 5.25 -5.67 13.73
N THR D 122 6.15 -6.29 14.50
CA THR D 122 6.22 -6.02 15.95
C THR D 122 6.61 -4.58 16.26
N VAL D 123 7.41 -3.95 15.39
CA VAL D 123 7.82 -2.58 15.67
C VAL D 123 6.61 -1.63 15.63
N ILE D 124 5.53 -2.06 14.97
CA ILE D 124 4.29 -1.29 14.98
C ILE D 124 3.68 -1.40 16.39
N GLY D 125 3.62 -2.60 16.95
CA GLY D 125 3.12 -2.76 18.31
C GLY D 125 3.98 -1.99 19.30
N LEU D 126 5.30 -2.14 19.18
CA LEU D 126 6.24 -1.48 20.08
C LEU D 126 6.06 0.04 20.06
N PHE D 127 5.81 0.61 18.88
CA PHE D 127 5.69 2.06 18.76
C PHE D 127 4.36 2.58 19.29
N ASN D 128 3.33 1.73 19.26
CA ASN D 128 2.02 2.10 19.78
C ASN D 128 1.74 1.74 21.24
N SER D 129 2.70 1.12 21.91
CA SER D 129 2.66 0.96 23.36
C SER D 129 2.70 2.31 24.06
N VAL D 130 2.18 2.36 25.28
CA VAL D 130 2.26 3.60 26.05
C VAL D 130 3.72 3.86 26.40
N ILE D 131 4.50 2.79 26.56
CA ILE D 131 5.93 2.92 26.84
C ILE D 131 6.65 3.48 25.63
N GLN D 132 7.39 4.56 25.84
CA GLN D 132 7.98 5.32 24.75
C GLN D 132 9.49 5.19 24.67
N ILE D 133 10.05 4.43 25.60
CA ILE D 133 11.49 4.21 25.64
C ILE D 133 11.77 2.80 25.20
N HIS D 134 12.59 2.66 24.16
CA HIS D 134 12.90 1.36 23.58
C HIS D 134 14.38 1.02 23.74
N LEU D 135 14.67 -0.21 24.18
CA LEU D 135 16.04 -0.69 24.24
C LEU D 135 16.26 -1.84 23.25
N LEU D 136 17.27 -1.69 22.41
CA LEU D 136 17.67 -2.72 21.43
C LEU D 136 18.95 -3.43 21.83
N LEU D 137 18.90 -4.77 21.81
CA LEU D 137 20.11 -5.58 21.88
C LEU D 137 20.36 -6.12 20.47
N ILE D 138 21.38 -5.58 19.83
CA ILE D 138 21.74 -5.98 18.48
C ILE D 138 22.83 -7.05 18.52
N MET D 139 22.49 -8.25 18.06
CA MET D 139 23.44 -9.34 17.96
C MET D 139 22.98 -10.42 16.99
N ASN D 140 23.89 -11.34 16.66
CA ASN D 140 23.62 -12.31 15.62
C ASN D 140 23.18 -13.62 16.22
N LYS D 141 22.05 -14.14 15.76
CA LYS D 141 21.57 -15.45 16.22
C LYS D 141 22.54 -16.56 15.89
N ALA D 142 23.46 -16.32 14.95
CA ALA D 142 24.45 -17.31 14.60
C ALA D 142 25.64 -17.32 15.58
N SER D 143 25.70 -16.34 16.49
CA SER D 143 26.78 -16.29 17.48
CA SER D 143 26.79 -16.31 17.46
C SER D 143 26.63 -17.41 18.51
N PRO D 144 27.77 -17.96 18.98
CA PRO D 144 27.78 -19.01 20.01
C PRO D 144 27.52 -18.50 21.42
N GLU D 145 27.51 -17.18 21.60
CA GLU D 145 27.19 -16.60 22.90
CA GLU D 145 27.21 -16.59 22.91
C GLU D 145 25.78 -16.01 22.93
N TYR D 146 25.08 -16.14 21.81
CA TYR D 146 23.72 -15.59 21.72
C TYR D 146 22.79 -16.02 22.85
N GLU D 147 22.79 -17.31 23.20
CA GLU D 147 21.88 -17.88 24.18
C GLU D 147 22.10 -17.29 25.56
N GLU D 148 23.37 -17.28 25.96
CA GLU D 148 23.75 -16.78 27.27
C GLU D 148 23.48 -15.30 27.40
N ASN D 149 23.90 -14.54 26.39
CA ASN D 149 23.62 -13.12 26.34
C ASN D 149 22.12 -12.85 26.41
N MET D 150 21.34 -13.66 25.71
CA MET D 150 19.89 -13.43 25.64
C MET D 150 19.26 -13.66 27.01
N HIS D 151 19.76 -14.68 27.70
CA HIS D 151 19.26 -15.00 29.03
C HIS D 151 19.47 -13.82 29.98
N ARG D 152 20.64 -13.18 29.91
CA ARG D 152 20.94 -12.09 30.83
C ARG D 152 20.14 -10.86 30.44
N TYR D 153 19.89 -10.72 29.14
CA TYR D 153 19.02 -9.66 28.62
C TYR D 153 17.59 -9.80 29.15
N GLN D 154 17.11 -11.04 29.19
CA GLN D 154 15.78 -11.34 29.71
C GLN D 154 15.71 -10.99 31.20
N LYS D 155 16.81 -11.27 31.91
CA LYS D 155 16.88 -10.94 33.33
C LYS D 155 16.81 -9.43 33.56
N ALA D 156 17.64 -8.68 32.85
CA ALA D 156 17.63 -7.22 33.00
C ALA D 156 16.27 -6.61 32.59
N ALA D 157 15.61 -7.22 31.60
CA ALA D 157 14.29 -6.74 31.17
C ALA D 157 13.30 -6.67 32.33
N LYS D 158 13.37 -7.66 33.22
CA LYS D 158 12.45 -7.69 34.36
C LYS D 158 12.65 -6.49 35.28
N LEU D 159 13.88 -5.98 35.31
CA LEU D 159 14.24 -4.83 36.15
C LEU D 159 13.67 -3.53 35.61
N PHE D 160 13.24 -3.52 34.34
CA PHE D 160 12.66 -2.29 33.78
C PHE D 160 11.26 -2.48 33.26
N GLN D 161 10.57 -3.51 33.74
CA GLN D 161 9.21 -3.77 33.26
C GLN D 161 8.35 -2.54 33.50
N GLY D 162 7.54 -2.18 32.50
CA GLY D 162 6.72 -0.98 32.58
C GLY D 162 7.47 0.32 32.34
N LYS D 163 8.80 0.28 32.29
CA LYS D 163 9.59 1.49 32.05
C LYS D 163 10.24 1.52 30.67
N ILE D 164 10.78 0.38 30.22
CA ILE D 164 11.46 0.30 28.93
C ILE D 164 11.04 -1.00 28.25
N LEU D 165 10.85 -0.94 26.93
CA LEU D 165 10.59 -2.13 26.13
C LEU D 165 11.92 -2.72 25.68
N PHE D 166 12.16 -3.96 26.10
CA PHE D 166 13.38 -4.67 25.69
C PHE D 166 13.16 -5.38 24.37
N ILE D 167 14.02 -5.07 23.41
CA ILE D 167 13.88 -5.56 22.05
C ILE D 167 15.15 -6.28 21.60
N LEU D 168 14.99 -7.38 20.89
CA LEU D 168 16.12 -8.00 20.21
C LEU D 168 16.11 -7.73 18.70
N VAL D 169 17.23 -7.20 18.21
CA VAL D 169 17.47 -7.05 16.78
C VAL D 169 18.51 -8.08 16.30
N ASP D 170 18.05 -9.06 15.51
CA ASP D 170 18.94 -10.08 14.94
C ASP D 170 19.71 -9.53 13.73
N SER D 171 21.01 -9.29 13.91
CA SER D 171 21.88 -8.79 12.84
C SER D 171 22.05 -9.79 11.68
N GLY D 172 21.76 -11.05 11.92
CA GLY D 172 21.78 -12.06 10.88
C GLY D 172 20.73 -11.77 9.82
N MET D 173 19.75 -10.93 10.16
CA MET D 173 18.68 -10.58 9.24
C MET D 173 19.00 -9.36 8.40
N LYS D 174 18.96 -9.53 7.09
CA LYS D 174 19.24 -8.48 6.13
C LYS D 174 18.39 -7.23 6.34
N GLU D 175 17.09 -7.44 6.59
CA GLU D 175 16.16 -6.34 6.74
CA GLU D 175 16.15 -6.35 6.76
C GLU D 175 16.54 -5.45 7.94
N ASN D 176 17.35 -6.00 8.82
CA ASN D 176 17.79 -5.27 10.00
C ASN D 176 19.01 -4.40 9.77
N GLY D 177 19.59 -4.46 8.57
CA GLY D 177 20.72 -3.62 8.21
C GLY D 177 20.43 -2.14 8.43
N LYS D 178 19.21 -1.71 8.10
CA LYS D 178 18.87 -0.29 8.16
C LYS D 178 18.76 0.25 9.58
N VAL D 179 18.27 -0.56 10.51
CA VAL D 179 18.19 -0.16 11.92
C VAL D 179 19.60 -0.01 12.50
N ILE D 180 20.41 -1.03 12.29
CA ILE D 180 21.78 -1.10 12.79
C ILE D 180 22.64 0.08 12.34
N SER D 181 22.52 0.45 11.07
CA SER D 181 23.34 1.52 10.51
C SER D 181 22.87 2.91 11.00
N PHE D 182 21.59 3.02 11.35
CA PHE D 182 21.08 4.26 11.93
C PHE D 182 21.85 4.59 13.20
N PHE D 183 22.00 3.59 14.05
CA PHE D 183 22.72 3.74 15.30
C PHE D 183 24.25 3.70 15.14
N LYS D 184 24.72 3.83 13.90
CA LYS D 184 26.14 3.99 13.59
C LYS D 184 26.98 2.80 14.05
N LEU D 185 26.38 1.61 14.03
CA LEU D 185 27.06 0.39 14.44
C LEU D 185 27.47 -0.48 13.25
N LYS D 186 28.59 -1.19 13.39
CA LYS D 186 29.03 -2.19 12.42
C LYS D 186 28.97 -3.60 13.02
N GLU D 187 28.93 -4.61 12.15
CA GLU D 187 28.78 -6.00 12.57
C GLU D 187 29.89 -6.42 13.53
N SER D 188 31.08 -5.87 13.35
CA SER D 188 32.24 -6.17 14.17
C SER D 188 32.15 -5.57 15.58
N GLN D 189 31.13 -4.76 15.82
CA GLN D 189 30.97 -4.06 17.10
C GLN D 189 29.96 -4.73 18.04
N LEU D 190 29.33 -5.81 17.55
CA LEU D 190 28.28 -6.50 18.29
C LEU D 190 28.83 -7.55 19.28
N PRO D 191 28.05 -7.91 20.32
CA PRO D 191 26.71 -7.44 20.73
C PRO D 191 26.73 -5.98 21.14
N ALA D 192 25.68 -5.25 20.79
CA ALA D 192 25.58 -3.85 21.18
C ALA D 192 24.19 -3.52 21.69
N LEU D 193 24.14 -2.56 22.59
CA LEU D 193 22.87 -2.01 23.06
C LEU D 193 22.58 -0.69 22.36
N ALA D 194 21.31 -0.45 22.06
CA ALA D 194 20.86 0.83 21.52
C ALA D 194 19.56 1.25 22.21
N ILE D 195 19.54 2.44 22.80
CA ILE D 195 18.34 2.91 23.49
C ILE D 195 17.81 4.19 22.85
N TYR D 196 16.50 4.28 22.68
CA TYR D 196 15.90 5.46 22.05
C TYR D 196 14.48 5.73 22.52
N GLN D 197 13.96 6.88 22.10
CA GLN D 197 12.59 7.30 22.39
C GLN D 197 11.75 7.30 21.11
N THR D 198 10.47 6.96 21.23
CA THR D 198 9.60 6.98 20.05
C THR D 198 9.20 8.39 19.62
N LEU D 199 9.08 9.30 20.58
CA LEU D 199 8.56 10.63 20.26
C LEU D 199 9.64 11.71 20.22
N ASP D 200 10.89 11.32 20.50
CA ASP D 200 11.96 12.30 20.66
C ASP D 200 13.25 11.86 20.01
N ASP D 201 14.13 12.83 19.78
CA ASP D 201 15.35 12.58 19.04
C ASP D 201 16.48 11.89 19.81
N GLU D 202 16.49 11.98 21.13
CA GLU D 202 17.62 11.46 21.90
C GLU D 202 17.74 9.93 21.92
N TRP D 203 18.96 9.44 21.63
CA TRP D 203 19.32 8.03 21.71
C TRP D 203 20.78 7.82 22.12
N ASP D 204 21.10 6.61 22.55
CA ASP D 204 22.47 6.29 22.96
C ASP D 204 22.81 4.80 22.72
N THR D 205 24.09 4.52 22.50
CA THR D 205 24.51 3.13 22.25
C THR D 205 25.65 2.68 23.17
N LEU D 206 25.71 1.37 23.41
CA LEU D 206 26.83 0.76 24.13
C LEU D 206 27.24 -0.59 23.53
N PRO D 207 28.40 -0.61 22.83
CA PRO D 207 28.94 -1.82 22.18
C PRO D 207 29.60 -2.84 23.13
N THR D 208 28.81 -3.47 24.00
CA THR D 208 29.29 -4.50 24.93
C THR D 208 29.73 -5.79 24.22
N ALA D 209 29.74 -6.92 24.93
CA ALA D 209 30.21 -8.19 24.38
C ALA D 209 29.79 -9.39 25.22
N GLU D 210 29.48 -9.13 26.50
CA GLU D 210 29.09 -10.17 27.43
C GLU D 210 27.64 -9.95 27.85
N VAL D 211 27.18 -8.70 27.72
CA VAL D 211 25.84 -8.34 28.10
C VAL D 211 25.57 -8.79 29.53
N SER D 212 26.20 -8.14 30.49
CA SER D 212 25.94 -8.47 31.87
C SER D 212 24.74 -7.66 32.35
N VAL D 213 23.98 -8.24 33.27
CA VAL D 213 22.79 -7.58 33.82
C VAL D 213 23.12 -6.19 34.37
N GLU D 214 24.20 -6.11 35.15
CA GLU D 214 24.67 -4.85 35.74
C GLU D 214 25.02 -3.83 34.67
N HIS D 215 25.75 -4.26 33.65
CA HIS D 215 26.05 -3.42 32.50
C HIS D 215 24.78 -2.87 31.84
N VAL D 216 23.81 -3.73 31.57
CA VAL D 216 22.55 -3.29 30.95
C VAL D 216 21.80 -2.32 31.88
N GLN D 217 21.71 -2.67 33.16
CA GLN D 217 21.02 -1.85 34.14
C GLN D 217 21.62 -0.44 34.24
N ASN D 218 22.95 -0.38 34.32
CA ASN D 218 23.64 0.90 34.36
C ASN D 218 23.28 1.77 33.17
N PHE D 219 23.39 1.18 31.98
CA PHE D 219 23.11 1.89 30.73
C PHE D 219 21.69 2.45 30.68
N CYS D 220 20.71 1.64 31.06
CA CYS D 220 19.32 2.08 31.09
C CYS D 220 19.10 3.19 32.11
N ASP D 221 19.59 2.98 33.33
CA ASP D 221 19.41 3.95 34.42
C ASP D 221 20.06 5.28 34.07
N GLY D 222 21.21 5.21 33.39
CA GLY D 222 21.91 6.39 32.94
C GLY D 222 21.07 7.15 31.95
N PHE D 223 20.48 6.44 30.99
CA PHE D 223 19.66 7.10 29.97
C PHE D 223 18.41 7.73 30.58
N LEU D 224 17.73 6.98 31.45
CA LEU D 224 16.53 7.45 32.12
C LEU D 224 16.78 8.71 32.95
N SER D 225 18.02 8.86 33.43
CA SER D 225 18.41 10.01 34.23
C SER D 225 18.09 11.36 33.57
N GLY D 226 17.10 12.06 34.14
CA GLY D 226 16.65 13.34 33.62
C GLY D 226 15.63 13.18 32.51
N LYS D 227 14.71 12.23 32.68
CA LYS D 227 13.75 11.90 31.62
C LYS D 227 12.59 11.08 32.17
N GLN E 9 19.91 -13.80 -6.59
CA GLN E 9 19.44 -14.97 -5.85
C GLN E 9 18.06 -15.45 -6.32
N GLU E 10 17.36 -16.19 -5.46
CA GLU E 10 16.10 -16.83 -5.83
C GLU E 10 15.08 -16.82 -4.69
N PRO E 11 13.78 -16.97 -5.02
CA PRO E 11 12.73 -16.90 -4.00
C PRO E 11 12.85 -17.95 -2.90
N THR E 12 12.62 -17.52 -1.67
CA THR E 12 12.66 -18.41 -0.53
C THR E 12 11.54 -19.44 -0.56
N TRP E 13 11.90 -20.70 -0.38
CA TRP E 13 10.93 -21.78 -0.31
C TRP E 13 10.26 -21.78 1.05
N LEU E 14 8.94 -21.88 1.03
CA LEU E 14 8.13 -21.73 2.21
C LEU E 14 7.36 -23.02 2.43
N THR E 15 7.77 -23.78 3.45
CA THR E 15 7.25 -25.12 3.68
C THR E 15 5.95 -25.21 4.47
N ASP E 16 5.68 -24.22 5.32
CA ASP E 16 4.49 -24.26 6.15
C ASP E 16 3.97 -22.86 6.53
N VAL E 17 2.78 -22.84 7.12
CA VAL E 17 2.12 -21.60 7.50
C VAL E 17 2.98 -20.71 8.40
N PRO E 18 3.54 -21.26 9.50
CA PRO E 18 4.38 -20.37 10.31
C PRO E 18 5.57 -19.81 9.55
N ALA E 19 6.15 -20.62 8.66
CA ALA E 19 7.24 -20.17 7.82
C ALA E 19 6.75 -19.05 6.90
N ALA E 20 5.59 -19.25 6.29
CA ALA E 20 5.01 -18.21 5.45
C ALA E 20 4.67 -16.92 6.22
N MET E 21 4.01 -17.07 7.36
CA MET E 21 3.61 -15.90 8.14
C MET E 21 4.84 -15.09 8.57
N GLU E 22 5.85 -15.79 9.07
CA GLU E 22 7.09 -15.16 9.50
C GLU E 22 7.78 -14.48 8.34
N PHE E 23 7.79 -15.14 7.19
CA PHE E 23 8.39 -14.56 6.01
C PHE E 23 7.70 -13.24 5.64
N ILE E 24 6.37 -13.27 5.69
CA ILE E 24 5.58 -12.11 5.30
C ILE E 24 5.75 -10.99 6.31
N ALA E 25 5.88 -11.36 7.58
CA ALA E 25 5.97 -10.37 8.67
C ALA E 25 7.36 -9.77 8.78
N ALA E 26 8.35 -10.40 8.13
CA ALA E 26 9.74 -9.96 8.20
C ALA E 26 10.07 -8.79 7.27
N THR E 27 9.12 -8.45 6.41
CA THR E 27 9.37 -7.50 5.33
C THR E 27 8.16 -6.60 5.13
N GLU E 28 8.39 -5.36 4.70
CA GLU E 28 7.28 -4.41 4.47
C GLU E 28 6.46 -4.82 3.26
N VAL E 29 7.12 -5.36 2.24
CA VAL E 29 6.45 -5.84 1.02
C VAL E 29 7.00 -7.21 0.62
N ALA E 30 6.12 -8.20 0.50
CA ALA E 30 6.51 -9.51 0.02
C ALA E 30 5.67 -9.95 -1.19
N VAL E 31 6.29 -10.66 -2.11
CA VAL E 31 5.58 -11.24 -3.25
C VAL E 31 5.81 -12.73 -3.24
N ILE E 32 4.73 -13.50 -3.24
CA ILE E 32 4.87 -14.95 -3.09
C ILE E 32 4.10 -15.69 -4.17
N GLY E 33 4.75 -16.68 -4.77
CA GLY E 33 4.10 -17.53 -5.75
C GLY E 33 3.55 -18.78 -5.07
N PHE E 34 2.27 -19.00 -5.23
CA PHE E 34 1.63 -20.17 -4.66
C PHE E 34 1.21 -21.07 -5.82
N PHE E 35 1.89 -22.20 -5.97
CA PHE E 35 1.70 -23.03 -7.17
C PHE E 35 1.27 -24.45 -6.83
N GLN E 36 0.48 -25.03 -7.71
CA GLN E 36 0.12 -26.43 -7.62
C GLN E 36 0.96 -27.17 -8.64
N ASP E 37 1.50 -26.41 -9.58
CA ASP E 37 2.30 -26.96 -10.67
C ASP E 37 3.48 -26.03 -10.93
N LEU E 38 4.70 -26.52 -10.72
CA LEU E 38 5.89 -25.70 -10.90
C LEU E 38 6.33 -25.61 -12.36
N GLU E 39 5.59 -26.27 -13.24
CA GLU E 39 5.95 -26.36 -14.65
C GLU E 39 5.21 -25.35 -15.51
N ILE E 40 5.07 -24.12 -15.00
CA ILE E 40 4.35 -23.08 -15.72
C ILE E 40 5.25 -21.85 -15.91
N PRO E 41 4.98 -21.04 -16.94
CA PRO E 41 5.86 -19.88 -17.19
C PRO E 41 5.91 -18.88 -16.01
N ALA E 42 4.87 -18.85 -15.18
CA ALA E 42 4.85 -17.97 -14.01
C ALA E 42 6.10 -18.14 -13.14
N VAL E 43 6.57 -19.37 -13.02
CA VAL E 43 7.69 -19.68 -12.14
C VAL E 43 9.03 -19.04 -12.54
N PRO E 44 9.52 -19.27 -13.77
CA PRO E 44 10.79 -18.60 -14.08
C PRO E 44 10.66 -17.07 -14.15
N ILE E 45 9.48 -16.60 -14.53
CA ILE E 45 9.19 -15.15 -14.53
C ILE E 45 9.27 -14.56 -13.12
N LEU E 46 8.68 -15.24 -12.13
CA LEU E 46 8.75 -14.80 -10.74
C LEU E 46 10.21 -14.73 -10.28
N HIS E 47 10.99 -15.75 -10.60
CA HIS E 47 12.42 -15.79 -10.28
C HIS E 47 13.16 -14.56 -10.80
N SER E 48 12.81 -14.12 -12.00
CA SER E 48 13.52 -12.99 -12.61
C SER E 48 13.24 -11.64 -11.94
N MET E 49 12.22 -11.59 -11.09
CA MET E 49 11.86 -10.34 -10.43
C MET E 49 12.79 -9.97 -9.28
N VAL E 50 13.40 -10.98 -8.65
CA VAL E 50 14.20 -10.79 -7.45
C VAL E 50 15.22 -9.68 -7.60
N GLN E 51 16.02 -9.74 -8.66
CA GLN E 51 17.12 -8.79 -8.85
C GLN E 51 16.59 -7.45 -9.32
N LYS E 52 15.34 -7.44 -9.76
CA LYS E 52 14.74 -6.21 -10.27
C LYS E 52 14.09 -5.40 -9.14
N PHE E 53 13.68 -6.10 -8.08
CA PHE E 53 13.00 -5.46 -6.96
C PHE E 53 13.68 -5.77 -5.64
N PRO E 54 14.78 -5.06 -5.35
CA PRO E 54 15.56 -5.25 -4.13
C PRO E 54 14.76 -4.86 -2.88
N GLY E 55 13.75 -4.02 -3.05
CA GLY E 55 12.95 -3.57 -1.92
C GLY E 55 11.80 -4.51 -1.55
N VAL E 56 11.72 -5.63 -2.26
CA VAL E 56 10.66 -6.60 -2.05
C VAL E 56 11.31 -7.93 -1.70
N SER E 57 10.67 -8.70 -0.82
CA SER E 57 11.16 -10.00 -0.42
C SER E 57 10.35 -11.07 -1.18
N PHE E 58 11.05 -11.98 -1.86
CA PHE E 58 10.39 -12.94 -2.75
C PHE E 58 10.35 -14.36 -2.19
N GLY E 59 9.16 -14.96 -2.20
CA GLY E 59 8.99 -16.31 -1.70
C GLY E 59 8.21 -17.20 -2.65
N ILE E 60 8.25 -18.51 -2.41
CA ILE E 60 7.49 -19.45 -3.21
C ILE E 60 6.97 -20.59 -2.34
N SER E 61 5.76 -21.06 -2.61
CA SER E 61 5.25 -22.21 -1.89
C SER E 61 4.32 -23.08 -2.74
N THR E 62 4.33 -24.38 -2.49
CA THR E 62 3.40 -25.30 -3.15
C THR E 62 2.69 -26.14 -2.09
N ASP E 63 2.98 -25.83 -0.83
CA ASP E 63 2.43 -26.61 0.27
C ASP E 63 0.92 -26.45 0.39
N SER E 64 0.24 -27.59 0.52
CA SER E 64 -1.21 -27.65 0.57
C SER E 64 -1.83 -26.69 1.58
N GLU E 65 -1.44 -26.80 2.84
CA GLU E 65 -2.05 -25.98 3.90
C GLU E 65 -1.69 -24.49 3.82
N VAL E 66 -0.56 -24.19 3.19
CA VAL E 66 -0.16 -22.80 2.98
C VAL E 66 -1.06 -22.12 1.96
N LEU E 67 -1.35 -22.82 0.86
CA LEU E 67 -2.27 -22.31 -0.14
C LEU E 67 -3.68 -22.18 0.45
N THR E 68 -4.02 -23.10 1.33
CA THR E 68 -5.30 -23.07 2.02
C THR E 68 -5.38 -21.90 3.01
N HIS E 69 -4.32 -21.70 3.78
CA HIS E 69 -4.26 -20.59 4.73
C HIS E 69 -4.51 -19.23 4.06
N TYR E 70 -3.92 -19.03 2.89
CA TYR E 70 -4.03 -17.73 2.23
C TYR E 70 -5.17 -17.68 1.20
N ASN E 71 -6.10 -18.63 1.29
CA ASN E 71 -7.25 -18.70 0.40
C ASN E 71 -6.86 -18.71 -1.07
N ILE E 72 -5.92 -19.58 -1.43
CA ILE E 72 -5.49 -19.70 -2.81
C ILE E 72 -6.19 -20.83 -3.55
N THR E 73 -6.76 -20.52 -4.71
CA THR E 73 -7.26 -21.56 -5.59
C THR E 73 -6.52 -21.48 -6.92
N GLY E 74 -5.61 -22.42 -7.12
CA GLY E 74 -4.83 -22.45 -8.34
C GLY E 74 -3.56 -21.62 -8.25
N ASN E 75 -2.77 -21.68 -9.32
CA ASN E 75 -1.52 -20.93 -9.40
C ASN E 75 -1.81 -19.45 -9.30
N THR E 76 -1.26 -18.82 -8.27
CA THR E 76 -1.51 -17.43 -7.96
C THR E 76 -0.21 -16.80 -7.51
N ILE E 77 0.01 -15.55 -7.88
CA ILE E 77 1.09 -14.76 -7.30
C ILE E 77 0.46 -13.59 -6.53
N CYS E 78 0.82 -13.46 -5.25
CA CYS E 78 0.24 -12.44 -4.39
C CYS E 78 1.27 -11.41 -3.98
N LEU E 79 0.85 -10.16 -3.87
CA LEU E 79 1.66 -9.18 -3.17
C LEU E 79 1.05 -8.96 -1.79
N PHE E 80 1.89 -9.01 -0.76
CA PHE E 80 1.51 -8.69 0.61
C PHE E 80 2.24 -7.43 1.03
N ARG E 81 1.62 -6.66 1.92
CA ARG E 81 2.25 -5.45 2.42
C ARG E 81 1.71 -5.08 3.80
N LEU E 82 2.63 -4.63 4.64
CA LEU E 82 2.36 -4.41 6.06
C LEU E 82 1.50 -3.18 6.27
N VAL E 83 1.79 -2.13 5.51
CA VAL E 83 1.19 -0.80 5.72
C VAL E 83 -0.35 -0.82 5.78
N ASP E 84 -0.99 -1.63 4.96
CA ASP E 84 -2.44 -1.80 5.05
C ASP E 84 -2.90 -3.26 5.16
N ASN E 85 -1.97 -4.16 5.49
CA ASN E 85 -2.27 -5.59 5.57
C ASN E 85 -2.98 -6.17 4.34
N GLU E 86 -2.62 -5.71 3.15
CA GLU E 86 -3.31 -6.18 1.97
C GLU E 86 -2.75 -7.52 1.53
N GLN E 87 -3.56 -8.27 0.80
CA GLN E 87 -3.11 -9.38 -0.03
C GLN E 87 -3.77 -9.18 -1.38
N LEU E 88 -2.94 -8.95 -2.39
CA LEU E 88 -3.43 -8.70 -3.74
C LEU E 88 -3.06 -9.87 -4.62
N ASN E 89 -4.04 -10.43 -5.33
CA ASN E 89 -3.84 -11.64 -6.12
C ASN E 89 -3.69 -11.39 -7.62
N LEU E 90 -2.65 -11.96 -8.21
CA LEU E 90 -2.54 -12.06 -9.66
C LEU E 90 -2.92 -13.49 -10.01
N GLU E 91 -4.12 -13.71 -10.51
CA GLU E 91 -4.53 -15.09 -10.77
C GLU E 91 -5.30 -15.31 -12.08
N ASP E 92 -5.68 -16.56 -12.31
CA ASP E 92 -6.45 -16.98 -13.50
C ASP E 92 -5.86 -16.50 -14.81
N GLU E 93 -6.57 -15.59 -15.48
CA GLU E 93 -6.15 -15.07 -16.79
C GLU E 93 -4.76 -14.49 -16.73
N ASP E 94 -4.56 -13.58 -15.77
CA ASP E 94 -3.32 -12.84 -15.64
C ASP E 94 -2.13 -13.77 -15.45
N ILE E 95 -2.38 -14.92 -14.81
CA ILE E 95 -1.31 -15.85 -14.46
C ILE E 95 -1.01 -16.79 -15.63
N GLU E 96 -2.00 -17.03 -16.47
CA GLU E 96 -1.83 -17.89 -17.63
C GLU E 96 -1.15 -17.12 -18.75
N SER E 97 -1.52 -15.85 -18.89
CA SER E 97 -0.96 -15.01 -19.93
C SER E 97 0.15 -14.11 -19.40
N ILE E 98 0.70 -14.49 -18.25
CA ILE E 98 1.68 -13.66 -17.55
C ILE E 98 2.92 -13.43 -18.42
N ASP E 99 3.49 -12.24 -18.32
CA ASP E 99 4.83 -12.00 -18.87
C ASP E 99 5.60 -11.10 -17.91
N ALA E 100 6.86 -10.81 -18.23
CA ALA E 100 7.71 -10.09 -17.30
C ALA E 100 7.16 -8.72 -16.93
N THR E 101 6.61 -8.00 -17.90
CA THR E 101 6.17 -6.62 -17.67
C THR E 101 4.82 -6.53 -16.95
N LYS E 102 3.94 -7.51 -17.16
CA LYS E 102 2.68 -7.56 -16.43
C LYS E 102 2.93 -7.71 -14.93
N LEU E 103 3.77 -8.69 -14.57
CA LEU E 103 4.08 -8.95 -13.18
C LEU E 103 4.89 -7.82 -12.60
N SER E 104 5.80 -7.24 -13.39
CA SER E 104 6.60 -6.16 -12.85
C SER E 104 5.78 -4.88 -12.53
N ARG E 105 4.84 -4.54 -13.41
CA ARG E 105 4.03 -3.33 -13.19
C ARG E 105 3.06 -3.53 -12.01
N PHE E 106 2.52 -4.73 -11.89
CA PHE E 106 1.70 -5.11 -10.74
C PHE E 106 2.46 -4.87 -9.43
N ILE E 107 3.75 -5.23 -9.42
CA ILE E 107 4.60 -5.05 -8.24
C ILE E 107 4.90 -3.59 -7.96
N GLU E 108 5.28 -2.86 -9.01
CA GLU E 108 5.51 -1.42 -8.91
C GLU E 108 4.28 -0.68 -8.39
N ILE E 109 3.10 -1.00 -8.92
CA ILE E 109 1.90 -0.27 -8.51
C ILE E 109 1.59 -0.52 -7.03
N ASN E 110 1.84 -1.74 -6.58
CA ASN E 110 1.31 -2.18 -5.28
C ASN E 110 2.33 -2.31 -4.17
N SER E 111 3.57 -1.92 -4.48
CA SER E 111 4.63 -1.88 -3.47
C SER E 111 4.47 -0.62 -2.66
N LEU E 112 3.59 -0.66 -1.67
CA LEU E 112 3.44 0.44 -0.74
C LEU E 112 4.16 0.08 0.55
N HIS E 113 5.07 0.93 0.97
CA HIS E 113 5.85 0.69 2.18
C HIS E 113 5.30 1.56 3.32
N MET E 114 5.92 1.50 4.48
CA MET E 114 5.54 2.38 5.59
C MET E 114 5.65 3.83 5.13
N VAL E 115 6.73 4.14 4.41
CA VAL E 115 6.80 5.41 3.70
C VAL E 115 7.01 5.11 2.21
N THR E 116 6.04 5.53 1.38
CA THR E 116 6.07 5.23 -0.06
C THR E 116 6.43 6.49 -0.84
N GLU E 117 7.28 6.38 -1.84
CA GLU E 117 7.59 7.55 -2.67
C GLU E 117 6.50 7.76 -3.72
N TYR E 118 6.12 9.01 -3.90
CA TYR E 118 5.01 9.40 -4.78
C TYR E 118 5.49 9.50 -6.25
N ASN E 119 4.89 8.70 -7.12
CA ASN E 119 5.12 8.85 -8.57
C ASN E 119 3.86 8.32 -9.26
N PRO E 120 3.73 8.48 -10.60
CA PRO E 120 2.44 8.14 -11.21
C PRO E 120 2.04 6.69 -11.01
N VAL E 121 3.03 5.84 -10.78
CA VAL E 121 2.72 4.43 -10.56
C VAL E 121 2.32 4.11 -9.11
N THR E 122 3.04 4.63 -8.13
CA THR E 122 2.68 4.33 -6.74
C THR E 122 1.35 5.03 -6.37
N VAL E 123 1.12 6.19 -6.95
CA VAL E 123 -0.14 6.90 -6.67
C VAL E 123 -1.38 6.06 -7.03
N ILE E 124 -1.28 5.23 -8.07
CA ILE E 124 -2.34 4.29 -8.38
C ILE E 124 -2.62 3.29 -7.24
N GLY E 125 -1.55 2.68 -6.73
CA GLY E 125 -1.67 1.73 -5.64
C GLY E 125 -2.12 2.43 -4.36
N LEU E 126 -1.57 3.60 -4.10
CA LEU E 126 -1.97 4.40 -2.93
C LEU E 126 -3.47 4.72 -2.94
N PHE E 127 -4.00 5.21 -4.07
CA PHE E 127 -5.44 5.47 -4.21
C PHE E 127 -6.32 4.23 -4.09
N ASN E 128 -5.74 3.06 -4.34
CA ASN E 128 -6.55 1.85 -4.29
C ASN E 128 -6.51 1.09 -2.97
N SER E 129 -5.78 1.64 -2.01
CA SER E 129 -5.74 1.07 -0.67
C SER E 129 -7.09 1.28 0.01
N VAL E 130 -7.45 0.37 0.91
CA VAL E 130 -8.60 0.58 1.79
C VAL E 130 -8.40 1.86 2.59
N ILE E 131 -7.14 2.20 2.86
CA ILE E 131 -6.82 3.45 3.52
C ILE E 131 -7.07 4.65 2.61
N GLN E 132 -7.96 5.53 3.03
CA GLN E 132 -8.36 6.66 2.20
C GLN E 132 -7.73 7.98 2.61
N ILE E 133 -6.88 7.95 3.63
CA ILE E 133 -6.20 9.15 4.03
C ILE E 133 -4.71 9.06 3.74
N HIS E 134 -4.19 10.11 3.10
CA HIS E 134 -2.83 10.12 2.57
C HIS E 134 -2.11 11.32 3.10
N LEU E 135 -0.87 11.14 3.55
CA LEU E 135 -0.06 12.25 4.01
C LEU E 135 1.18 12.37 3.14
N LEU E 136 1.43 13.57 2.66
CA LEU E 136 2.61 13.84 1.86
C LEU E 136 3.56 14.66 2.69
N LEU E 137 4.83 14.26 2.71
CA LEU E 137 5.89 15.16 3.15
C LEU E 137 6.57 15.61 1.87
N ILE E 138 6.63 16.92 1.68
CA ILE E 138 7.20 17.48 0.49
C ILE E 138 8.54 18.12 0.82
N MET E 139 9.61 17.55 0.28
CA MET E 139 10.96 18.03 0.54
C MET E 139 11.94 17.46 -0.47
N ASN E 140 13.14 18.03 -0.48
CA ASN E 140 14.15 17.67 -1.46
C ASN E 140 15.08 16.57 -0.92
N LYS E 141 15.33 15.54 -1.75
CA LYS E 141 16.22 14.44 -1.36
C LYS E 141 17.65 14.92 -1.20
N ALA E 142 18.00 15.98 -1.92
CA ALA E 142 19.34 16.56 -1.82
C ALA E 142 19.45 17.55 -0.67
N SER E 143 18.37 17.71 0.09
CA SER E 143 18.38 18.55 1.29
C SER E 143 19.27 17.90 2.34
N PRO E 144 20.09 18.73 3.03
CA PRO E 144 20.98 18.21 4.08
C PRO E 144 20.22 17.62 5.25
N GLU E 145 19.01 18.15 5.53
CA GLU E 145 18.20 17.70 6.65
C GLU E 145 17.29 16.54 6.26
N TYR E 146 17.42 16.08 5.02
CA TYR E 146 16.54 15.03 4.48
C TYR E 146 16.55 13.76 5.31
N GLU E 147 17.74 13.22 5.54
CA GLU E 147 17.90 11.96 6.23
C GLU E 147 17.25 12.00 7.61
N GLU E 148 17.60 13.03 8.37
CA GLU E 148 17.09 13.26 9.72
C GLU E 148 15.56 13.37 9.72
N ASN E 149 15.03 14.17 8.79
CA ASN E 149 13.59 14.33 8.70
C ASN E 149 12.88 13.04 8.29
N MET E 150 13.53 12.26 7.43
CA MET E 150 12.92 11.01 6.96
C MET E 150 12.85 9.98 8.08
N HIS E 151 13.84 10.01 8.97
CA HIS E 151 13.84 9.12 10.12
C HIS E 151 12.66 9.41 11.01
N ARG E 152 12.47 10.69 11.34
CA ARG E 152 11.36 11.09 12.17
C ARG E 152 10.02 10.78 11.51
N TYR E 153 9.95 10.96 10.20
CA TYR E 153 8.75 10.65 9.43
C TYR E 153 8.42 9.15 9.51
N GLN E 154 9.46 8.32 9.39
CA GLN E 154 9.28 6.86 9.57
C GLN E 154 8.72 6.55 10.96
N LYS E 155 9.30 7.17 11.98
CA LYS E 155 8.81 6.97 13.33
C LYS E 155 7.31 7.34 13.39
N ALA E 156 6.96 8.53 12.91
CA ALA E 156 5.56 8.96 12.90
C ALA E 156 4.64 8.01 12.16
N ALA E 157 5.12 7.45 11.06
CA ALA E 157 4.27 6.57 10.25
C ALA E 157 3.79 5.38 11.07
N LYS E 158 4.67 4.89 11.94
CA LYS E 158 4.35 3.73 12.74
C LYS E 158 3.18 4.01 13.69
N LEU E 159 3.05 5.27 14.10
CA LEU E 159 1.95 5.66 14.99
C LEU E 159 0.60 5.63 14.28
N PHE E 160 0.62 5.74 12.96
CA PHE E 160 -0.62 5.80 12.19
C PHE E 160 -0.86 4.60 11.29
N GLN E 161 -0.14 3.51 11.55
CA GLN E 161 -0.30 2.27 10.79
C GLN E 161 -1.76 1.89 10.65
N GLY E 162 -2.21 1.71 9.42
CA GLY E 162 -3.59 1.32 9.19
C GLY E 162 -4.59 2.45 9.23
N LYS E 163 -4.15 3.70 9.37
CA LYS E 163 -5.07 4.83 9.39
C LYS E 163 -4.71 5.86 8.34
N ILE E 164 -3.41 6.08 8.16
CA ILE E 164 -2.91 7.04 7.17
C ILE E 164 -1.75 6.42 6.39
N LEU E 165 -1.72 6.65 5.09
CA LEU E 165 -0.58 6.23 4.28
C LEU E 165 0.44 7.36 4.22
N PHE E 166 1.63 7.11 4.76
CA PHE E 166 2.68 8.11 4.78
C PHE E 166 3.44 8.04 3.46
N ILE E 167 3.57 9.19 2.82
CA ILE E 167 4.10 9.29 1.48
C ILE E 167 5.18 10.35 1.41
N LEU E 168 6.19 10.13 0.58
CA LEU E 168 7.23 11.14 0.36
C LEU E 168 7.13 11.73 -1.05
N VAL E 169 7.03 13.06 -1.13
CA VAL E 169 7.08 13.75 -2.42
C VAL E 169 8.40 14.49 -2.56
N ASP E 170 9.21 14.07 -3.54
CA ASP E 170 10.54 14.65 -3.73
C ASP E 170 10.47 15.90 -4.59
N SER E 171 10.61 17.04 -3.93
CA SER E 171 10.51 18.33 -4.62
C SER E 171 11.75 18.62 -5.47
N GLY E 172 12.69 17.68 -5.49
CA GLY E 172 13.85 17.78 -6.36
C GLY E 172 13.50 17.36 -7.77
N MET E 173 12.39 16.64 -7.91
CA MET E 173 11.92 16.19 -9.21
C MET E 173 10.89 17.17 -9.79
N LYS E 174 11.16 17.66 -10.99
CA LYS E 174 10.29 18.67 -11.60
C LYS E 174 8.85 18.16 -11.76
N GLU E 175 8.70 16.86 -11.97
CA GLU E 175 7.40 16.23 -12.20
C GLU E 175 6.45 16.40 -11.01
N ASN E 176 6.99 16.79 -9.87
CA ASN E 176 6.18 16.96 -8.67
C ASN E 176 5.79 18.42 -8.47
N GLY E 177 6.18 19.28 -9.41
CA GLY E 177 5.81 20.68 -9.37
C GLY E 177 4.31 20.88 -9.23
N LYS E 178 3.54 20.15 -10.04
CA LYS E 178 2.08 20.24 -10.03
C LYS E 178 1.45 19.81 -8.70
N VAL E 179 2.03 18.81 -8.05
CA VAL E 179 1.53 18.35 -6.75
C VAL E 179 1.68 19.46 -5.72
N ILE E 180 2.85 20.06 -5.69
CA ILE E 180 3.17 21.10 -4.74
C ILE E 180 2.28 22.31 -4.94
N SER E 181 2.21 22.79 -6.18
CA SER E 181 1.42 23.97 -6.48
C SER E 181 -0.08 23.77 -6.24
N PHE E 182 -0.56 22.52 -6.41
CA PHE E 182 -1.95 22.23 -6.05
C PHE E 182 -2.26 22.60 -4.62
N PHE E 183 -1.40 22.18 -3.70
CA PHE E 183 -1.59 22.48 -2.29
C PHE E 183 -1.20 23.89 -1.89
N LYS E 184 -1.09 24.76 -2.90
CA LYS E 184 -0.82 26.17 -2.68
C LYS E 184 0.50 26.40 -1.93
N LEU E 185 1.47 25.53 -2.16
CA LEU E 185 2.78 25.67 -1.53
C LEU E 185 3.81 26.22 -2.53
N LYS E 186 4.97 26.59 -2.01
CA LYS E 186 6.09 27.03 -2.84
C LYS E 186 7.39 26.40 -2.34
N GLU E 187 8.40 26.35 -3.21
CA GLU E 187 9.73 25.87 -2.84
C GLU E 187 10.23 26.51 -1.55
N SER E 188 9.86 27.77 -1.36
CA SER E 188 10.29 28.54 -0.20
C SER E 188 9.61 28.12 1.08
N GLN E 189 8.62 27.23 0.98
CA GLN E 189 7.88 26.77 2.15
C GLN E 189 8.22 25.33 2.53
N LEU E 190 9.16 24.73 1.82
CA LEU E 190 9.47 23.32 2.06
C LEU E 190 10.64 23.15 3.04
N PRO E 191 10.65 22.06 3.82
CA PRO E 191 9.76 20.89 3.85
C PRO E 191 8.37 21.18 4.38
N ALA E 192 7.35 20.59 3.79
CA ALA E 192 5.97 20.81 4.22
C ALA E 192 5.17 19.52 4.27
N LEU E 193 4.12 19.52 5.09
CA LEU E 193 3.18 18.41 5.16
C LEU E 193 1.92 18.77 4.42
N ALA E 194 1.32 17.78 3.76
CA ALA E 194 0.04 17.97 3.10
C ALA E 194 -0.77 16.70 3.26
N ILE E 195 -2.02 16.84 3.66
CA ILE E 195 -2.87 15.68 3.93
C ILE E 195 -4.20 15.82 3.21
N TYR E 196 -4.70 14.71 2.67
CA TYR E 196 -5.93 14.75 1.91
C TYR E 196 -6.66 13.41 1.99
N GLN E 197 -7.82 13.34 1.35
CA GLN E 197 -8.58 12.10 1.30
C GLN E 197 -8.77 11.66 -0.15
N THR E 198 -8.83 10.36 -0.38
CA THR E 198 -8.93 9.87 -1.75
C THR E 198 -10.32 10.06 -2.36
N LEU E 199 -11.33 9.98 -1.49
CA LEU E 199 -12.72 9.98 -1.89
C LEU E 199 -13.43 11.29 -1.54
N ASP E 200 -12.67 12.28 -1.06
CA ASP E 200 -13.25 13.54 -0.59
C ASP E 200 -12.37 14.78 -0.74
N ASP E 201 -12.98 15.95 -0.59
CA ASP E 201 -12.36 17.21 -0.96
C ASP E 201 -11.51 17.91 0.11
N GLU E 202 -11.66 17.52 1.37
CA GLU E 202 -10.97 18.23 2.44
C GLU E 202 -9.48 17.92 2.44
N TRP E 203 -8.68 18.97 2.59
CA TRP E 203 -7.24 18.77 2.75
C TRP E 203 -6.68 19.84 3.67
N ASP E 204 -5.43 19.68 4.06
CA ASP E 204 -4.78 20.66 4.93
C ASP E 204 -3.28 20.61 4.69
N THR E 205 -2.59 21.67 5.06
CA THR E 205 -1.14 21.69 4.98
C THR E 205 -0.46 22.27 6.20
N LEU E 206 0.81 21.94 6.36
CA LEU E 206 1.66 22.56 7.35
C LEU E 206 2.94 23.04 6.66
N PRO E 207 2.94 24.30 6.20
CA PRO E 207 4.08 24.93 5.49
C PRO E 207 5.26 25.19 6.42
N THR E 208 6.47 25.20 5.86
CA THR E 208 7.71 25.37 6.62
C THR E 208 7.69 24.52 7.89
N ALA E 209 7.13 23.32 7.74
CA ALA E 209 7.01 22.41 8.86
C ALA E 209 8.39 21.99 9.30
N GLU E 210 8.53 21.67 10.57
CA GLU E 210 9.69 20.93 11.00
C GLU E 210 9.25 19.54 11.40
N VAL E 211 9.87 18.55 10.79
CA VAL E 211 9.38 17.19 10.83
C VAL E 211 9.70 16.50 12.15
N SER E 212 9.08 17.01 13.22
CA SER E 212 9.15 16.36 14.51
C SER E 212 8.00 15.37 14.62
N VAL E 213 8.23 14.28 15.33
CA VAL E 213 7.17 13.30 15.55
C VAL E 213 5.93 13.95 16.17
N GLU E 214 6.10 14.76 17.21
CA GLU E 214 4.98 15.47 17.82
C GLU E 214 4.18 16.33 16.83
N HIS E 215 4.87 17.17 16.06
CA HIS E 215 4.21 18.00 15.07
C HIS E 215 3.44 17.19 14.02
N VAL E 216 4.02 16.09 13.56
CA VAL E 216 3.34 15.28 12.55
C VAL E 216 2.12 14.60 13.16
N GLN E 217 2.28 14.08 14.38
CA GLN E 217 1.21 13.40 15.08
C GLN E 217 0.04 14.33 15.36
N ASN E 218 0.35 15.54 15.81
CA ASN E 218 -0.67 16.54 16.08
C ASN E 218 -1.40 16.92 14.80
N PHE E 219 -0.62 17.12 13.74
CA PHE E 219 -1.19 17.47 12.42
C PHE E 219 -2.19 16.39 12.01
N CYS E 220 -1.73 15.15 12.03
CA CYS E 220 -2.56 14.01 11.63
C CYS E 220 -3.78 13.81 12.51
N ASP E 221 -3.57 13.92 13.82
CA ASP E 221 -4.67 13.71 14.74
C ASP E 221 -5.80 14.72 14.52
N GLY E 222 -5.42 15.96 14.23
CA GLY E 222 -6.40 16.99 13.91
C GLY E 222 -7.20 16.70 12.65
N PHE E 223 -6.54 16.27 11.59
CA PHE E 223 -7.24 15.97 10.35
C PHE E 223 -8.13 14.75 10.53
N LEU E 224 -7.62 13.75 11.26
CA LEU E 224 -8.38 12.54 11.55
C LEU E 224 -9.67 12.80 12.33
N SER E 225 -9.66 13.84 13.17
CA SER E 225 -10.79 14.11 14.05
C SER E 225 -12.09 14.36 13.30
N GLY E 226 -13.02 13.41 13.38
CA GLY E 226 -14.29 13.51 12.71
C GLY E 226 -14.42 12.61 11.50
N LYS E 227 -13.34 11.88 11.20
CA LYS E 227 -13.32 11.01 10.03
C LYS E 227 -13.03 9.56 10.42
#